data_1UPT
#
_entry.id   1UPT
#
_cell.length_a   72.497
_cell.length_b   89.711
_cell.length_c   72.534
_cell.angle_alpha   90.00
_cell.angle_beta   110.69
_cell.angle_gamma   90.00
#
_symmetry.space_group_name_H-M   'P 1 21 1'
#
loop_
_entity.id
_entity.type
_entity.pdbx_description
1 polymer 'ADP-RIBOSYLATION FACTOR-LIKE PROTEIN 1'
2 polymer 'GOLGI AUTOANTIGEN, GOLGIN SUBFAMILY A MEMBER 4'
3 non-polymer "GUANOSINE-5'-TRIPHOSPHATE"
4 non-polymer 'MAGNESIUM ION'
5 water water
#
loop_
_entity_poly.entity_id
_entity_poly.type
_entity_poly.pdbx_seq_one_letter_code
_entity_poly.pdbx_strand_id
1 'polypeptide(L)'
;GSH(MSE)TRE(MSE)RILILGLDGAGKTTILYRLQVGEVVTTIPTIGFNVETVTYKNLKFQVWDLGGLTSIRPYWRCYY
SNTDAVIYVVDSCDRDRIGISKSELVA(MSE)LEEEELRKAILVVFANKQD(MSE)EQA(MSE)TSSE(MSE)ANSLGLP
ALKDRKWQIFKTSATKGTGLDEA(MSE)EWLVETLKSRQ
;
A,C,E,G
2 'polypeptide(L)' (MSE)GEPTEFEYLRKVLFEY(MSE)(MSE)GRETKT(MSE)AKVITTVLKFPDDQTQKILEREDARL(MSE)SWLRSSS B,D,F,H
#
# COMPACT_ATOMS: atom_id res chain seq x y z
N HIS A 3 -47.70 25.26 -15.32
CA HIS A 3 -46.80 24.09 -15.56
C HIS A 3 -46.98 23.52 -16.97
N THR A 5 -47.96 25.47 -19.35
CA THR A 5 -47.31 26.62 -19.95
C THR A 5 -45.79 26.44 -20.16
N ARG A 6 -45.15 25.73 -19.24
CA ARG A 6 -43.69 25.64 -19.10
C ARG A 6 -43.11 24.34 -19.73
N GLU A 7 -41.84 24.38 -20.15
CA GLU A 7 -41.17 23.24 -20.78
C GLU A 7 -41.07 22.06 -19.81
N ARG A 9 -40.47 17.67 -19.10
CA ARG A 9 -39.39 16.75 -19.33
C ARG A 9 -39.88 15.32 -19.46
N ILE A 10 -39.55 14.67 -20.57
CA ILE A 10 -39.93 13.29 -20.86
C ILE A 10 -38.69 12.48 -21.08
N LEU A 11 -38.65 11.26 -20.55
CA LEU A 11 -37.60 10.30 -20.89
C LEU A 11 -38.19 9.22 -21.76
N ILE A 12 -37.49 8.84 -22.82
CA ILE A 12 -37.85 7.66 -23.63
C ILE A 12 -36.85 6.58 -23.34
N LEU A 13 -37.33 5.52 -22.71
CA LEU A 13 -36.52 4.44 -22.25
C LEU A 13 -37.02 3.10 -22.79
N GLY A 14 -36.23 2.06 -22.61
CA GLY A 14 -36.52 0.76 -23.19
C GLY A 14 -35.28 0.09 -23.73
N LEU A 15 -35.37 -1.22 -23.97
CA LEU A 15 -34.21 -2.02 -24.39
C LEU A 15 -33.71 -1.56 -25.76
N ASP A 16 -32.45 -1.84 -26.03
CA ASP A 16 -31.92 -1.56 -27.35
C ASP A 16 -32.81 -2.19 -28.44
N GLY A 17 -32.99 -1.51 -29.56
CA GLY A 17 -33.82 -2.01 -30.64
C GLY A 17 -35.32 -1.79 -30.53
N ALA A 18 -35.80 -1.23 -29.42
CA ALA A 18 -37.24 -1.14 -29.20
C ALA A 18 -37.88 -0.12 -30.15
N GLY A 19 -37.11 0.87 -30.56
CA GLY A 19 -37.65 1.94 -31.39
C GLY A 19 -37.67 3.34 -30.81
N LYS A 20 -36.91 3.54 -29.74
CA LYS A 20 -36.89 4.81 -29.03
C LYS A 20 -36.46 5.99 -29.88
N THR A 21 -35.33 5.83 -30.57
CA THR A 21 -34.80 6.93 -31.35
C THR A 21 -35.73 7.22 -32.53
N THR A 22 -36.31 6.19 -33.12
CA THR A 22 -37.24 6.37 -34.22
C THR A 22 -38.48 7.11 -33.76
N ILE A 23 -39.01 6.77 -32.58
CA ILE A 23 -40.13 7.47 -31.99
C ILE A 23 -39.81 8.95 -31.74
N LEU A 24 -38.66 9.24 -31.15
CA LEU A 24 -38.23 10.61 -30.82
C LEU A 24 -38.32 11.50 -32.06
N TYR A 25 -37.73 11.03 -33.16
CA TYR A 25 -37.67 11.82 -34.38
C TYR A 25 -38.97 11.81 -35.16
N ARG A 26 -39.81 10.79 -35.01
CA ARG A 26 -41.15 10.83 -35.59
C ARG A 26 -42.00 11.88 -34.88
N LEU A 27 -41.82 12.01 -33.57
CA LEU A 27 -42.48 13.05 -32.82
C LEU A 27 -41.95 14.44 -33.19
N GLN A 28 -40.64 14.58 -33.32
CA GLN A 28 -40.06 15.90 -33.56
C GLN A 28 -40.34 16.40 -34.99
N VAL A 29 -39.93 15.63 -35.99
CA VAL A 29 -40.00 16.06 -37.41
C VAL A 29 -41.06 15.34 -38.29
N GLY A 30 -41.86 14.47 -37.69
CA GLY A 30 -42.97 13.82 -38.38
C GLY A 30 -42.59 12.69 -39.33
N GLU A 31 -41.33 12.27 -39.36
CA GLU A 31 -40.91 11.24 -40.30
C GLU A 31 -40.02 10.17 -39.68
N VAL A 32 -39.88 9.05 -40.39
CA VAL A 32 -38.94 8.00 -40.03
C VAL A 32 -37.55 8.44 -40.47
N VAL A 33 -36.56 8.35 -39.61
CA VAL A 33 -35.18 8.67 -39.97
C VAL A 33 -34.34 7.43 -39.83
N THR A 34 -33.18 7.44 -40.45
CA THR A 34 -32.26 6.35 -40.30
C THR A 34 -31.60 6.49 -38.91
N THR A 35 -31.34 5.36 -38.25
CA THR A 35 -30.71 5.39 -36.93
C THR A 35 -29.56 4.43 -36.85
N ILE A 36 -28.67 4.69 -35.89
CA ILE A 36 -27.72 3.69 -35.41
C ILE A 36 -28.03 3.44 -33.95
N PRO A 37 -27.51 2.33 -33.42
CA PRO A 37 -27.51 2.11 -31.97
C PRO A 37 -26.96 3.31 -31.19
N THR A 38 -27.79 3.84 -30.29
CA THR A 38 -27.46 5.03 -29.50
C THR A 38 -26.56 4.67 -28.31
N ILE A 39 -25.28 5.00 -28.43
CA ILE A 39 -24.33 4.81 -27.35
C ILE A 39 -24.14 6.20 -26.75
N GLY A 40 -25.07 6.55 -25.87
CA GLY A 40 -25.19 7.90 -25.33
C GLY A 40 -26.66 8.24 -25.17
N PHE A 41 -27.05 9.39 -25.70
CA PHE A 41 -28.41 9.84 -25.69
C PHE A 41 -28.64 10.81 -26.81
N ASN A 42 -29.89 11.02 -27.17
CA ASN A 42 -30.31 12.13 -28.02
C ASN A 42 -31.24 12.94 -27.18
N VAL A 43 -31.07 14.25 -27.18
CA VAL A 43 -32.05 15.11 -26.55
C VAL A 43 -32.52 16.11 -27.59
N GLU A 44 -33.82 16.25 -27.75
CA GLU A 44 -34.41 17.12 -28.73
C GLU A 44 -35.56 17.86 -28.09
N THR A 45 -35.86 19.04 -28.61
CA THR A 45 -37.07 19.75 -28.25
C THR A 45 -38.16 19.30 -29.19
N VAL A 46 -39.22 18.78 -28.60
CA VAL A 46 -40.31 18.21 -29.35
C VAL A 46 -41.49 19.10 -29.08
N THR A 47 -42.23 19.38 -30.13
CA THR A 47 -43.46 20.15 -30.07
C THR A 47 -44.59 19.17 -30.32
N TYR A 48 -45.50 19.08 -29.36
CA TYR A 48 -46.66 18.25 -29.53
C TYR A 48 -47.82 19.02 -28.96
N LYS A 49 -48.87 19.17 -29.78
CA LYS A 49 -50.02 20.04 -29.49
C LYS A 49 -49.57 21.41 -29.03
N ASN A 50 -48.56 21.94 -29.71
CA ASN A 50 -47.91 23.22 -29.38
C ASN A 50 -47.38 23.39 -27.95
N LEU A 51 -47.15 22.27 -27.27
CA LEU A 51 -46.46 22.25 -25.99
C LEU A 51 -45.02 21.86 -26.28
N LYS A 52 -44.13 22.31 -25.40
CA LYS A 52 -42.73 22.03 -25.59
C LYS A 52 -42.27 21.00 -24.55
N PHE A 53 -41.58 20.00 -25.07
CA PHE A 53 -41.05 18.94 -24.25
C PHE A 53 -39.56 18.86 -24.47
N GLN A 54 -38.80 18.80 -23.39
CA GLN A 54 -37.46 18.33 -23.48
C GLN A 54 -37.54 16.81 -23.39
N VAL A 55 -37.32 16.14 -24.50
CA VAL A 55 -37.40 14.70 -24.56
C VAL A 55 -36.03 14.10 -24.63
N TRP A 56 -35.69 13.21 -23.67
CA TRP A 56 -34.39 12.56 -23.67
C TRP A 56 -34.52 11.10 -24.07
N ASP A 57 -33.93 10.72 -25.19
CA ASP A 57 -33.91 9.35 -25.66
C ASP A 57 -32.59 8.71 -25.22
N LEU A 58 -32.65 7.80 -24.27
CA LEU A 58 -31.44 7.21 -23.71
C LEU A 58 -31.15 5.85 -24.33
N GLY A 59 -29.90 5.61 -24.68
CA GLY A 59 -29.51 4.30 -25.21
C GLY A 59 -29.82 3.11 -24.32
N GLY A 60 -30.29 2.01 -24.92
CA GLY A 60 -30.75 0.83 -24.20
C GLY A 60 -29.84 -0.38 -24.18
N LEU A 61 -28.64 -0.30 -24.73
CA LEU A 61 -27.66 -1.40 -24.64
C LEU A 61 -27.44 -1.79 -23.16
N THR A 62 -27.28 -3.08 -22.87
CA THR A 62 -27.33 -3.57 -21.47
C THR A 62 -26.38 -2.82 -20.52
N SER A 63 -25.17 -2.61 -21.00
CA SER A 63 -24.09 -2.04 -20.19
C SER A 63 -24.27 -0.55 -19.87
N ILE A 64 -25.10 0.18 -20.64
CA ILE A 64 -25.38 1.60 -20.37
C ILE A 64 -26.77 1.90 -19.77
N ARG A 65 -27.53 0.84 -19.49
CA ARG A 65 -28.80 0.98 -18.78
C ARG A 65 -28.64 1.43 -17.35
N PRO A 66 -27.58 1.01 -16.65
CA PRO A 66 -27.31 1.56 -15.31
C PRO A 66 -27.18 3.08 -15.24
N TYR A 67 -26.93 3.74 -16.36
CA TYR A 67 -26.80 5.19 -16.37
C TYR A 67 -28.13 5.93 -16.51
N TRP A 68 -29.20 5.21 -16.86
CA TRP A 68 -30.51 5.84 -17.03
C TRP A 68 -30.90 6.67 -15.80
N ARG A 69 -30.61 6.13 -14.63
CA ARG A 69 -31.12 6.74 -13.37
C ARG A 69 -30.50 8.12 -13.13
N CYS A 70 -29.34 8.36 -13.74
CA CYS A 70 -28.67 9.66 -13.66
C CYS A 70 -29.52 10.77 -14.24
N TYR A 71 -30.47 10.41 -15.12
CA TYR A 71 -31.31 11.37 -15.82
C TYR A 71 -32.72 11.53 -15.22
N TYR A 72 -33.03 10.86 -14.10
CA TYR A 72 -34.42 10.80 -13.60
C TYR A 72 -34.94 12.07 -12.94
N SER A 73 -34.03 12.94 -12.49
CA SER A 73 -34.46 14.14 -11.77
C SER A 73 -35.44 15.01 -12.57
N ASN A 74 -36.52 15.42 -11.92
CA ASN A 74 -37.50 16.32 -12.48
C ASN A 74 -38.17 15.79 -13.75
N THR A 75 -38.43 14.48 -13.79
CA THR A 75 -39.08 13.86 -14.92
C THR A 75 -40.59 13.88 -14.74
N ASP A 76 -41.27 14.46 -15.73
CA ASP A 76 -42.74 14.53 -15.77
C ASP A 76 -43.40 13.23 -16.27
N ALA A 77 -42.71 12.53 -17.19
CA ALA A 77 -43.25 11.33 -17.82
C ALA A 77 -42.14 10.46 -18.39
N VAL A 78 -42.35 9.13 -18.31
CA VAL A 78 -41.54 8.16 -19.03
C VAL A 78 -42.38 7.51 -20.12
N ILE A 79 -41.87 7.56 -21.36
CA ILE A 79 -42.38 6.72 -22.43
C ILE A 79 -41.49 5.48 -22.46
N TYR A 80 -42.09 4.35 -22.08
CA TYR A 80 -41.36 3.09 -22.02
C TYR A 80 -41.72 2.28 -23.28
N VAL A 81 -40.73 2.11 -24.14
CA VAL A 81 -40.90 1.49 -25.46
C VAL A 81 -40.50 0.02 -25.38
N VAL A 82 -41.37 -0.84 -25.87
CA VAL A 82 -41.20 -2.28 -25.80
C VAL A 82 -41.44 -2.83 -27.22
N ASP A 83 -40.52 -3.63 -27.68
CA ASP A 83 -40.63 -4.29 -28.99
C ASP A 83 -41.63 -5.42 -28.83
N SER A 84 -42.76 -5.27 -29.49
CA SER A 84 -43.86 -6.22 -29.44
C SER A 84 -43.56 -7.57 -30.09
N CYS A 85 -42.46 -7.67 -30.82
CA CYS A 85 -42.04 -8.97 -31.39
C CYS A 85 -40.93 -9.68 -30.64
N ASP A 86 -40.37 -9.02 -29.61
CA ASP A 86 -39.27 -9.60 -28.85
C ASP A 86 -39.82 -10.39 -27.66
N ARG A 87 -40.21 -11.65 -27.92
CA ARG A 87 -40.73 -12.54 -26.87
C ARG A 87 -39.65 -12.94 -25.88
N ASP A 88 -38.41 -13.07 -26.36
CA ASP A 88 -37.30 -13.50 -25.50
C ASP A 88 -36.96 -12.51 -24.38
N ARG A 89 -37.15 -11.20 -24.63
CA ARG A 89 -36.70 -10.20 -23.67
C ARG A 89 -37.79 -9.38 -23.00
N ILE A 90 -39.06 -9.77 -23.11
CA ILE A 90 -40.11 -9.07 -22.41
C ILE A 90 -39.91 -9.08 -20.88
N GLY A 91 -39.38 -10.20 -20.35
CA GLY A 91 -38.98 -10.32 -18.95
C GLY A 91 -37.87 -9.38 -18.49
N ILE A 92 -36.92 -9.11 -19.37
CA ILE A 92 -35.90 -8.10 -19.13
C ILE A 92 -36.49 -6.68 -19.15
N SER A 93 -37.41 -6.41 -20.10
CA SER A 93 -38.14 -5.15 -20.10
C SER A 93 -38.89 -4.98 -18.79
N LYS A 94 -39.50 -6.07 -18.30
CA LYS A 94 -40.20 -6.06 -17.03
C LYS A 94 -39.25 -5.68 -15.91
N SER A 95 -38.11 -6.35 -15.79
CA SER A 95 -37.25 -6.12 -14.62
C SER A 95 -36.61 -4.71 -14.66
N GLU A 96 -36.33 -4.17 -15.85
CA GLU A 96 -35.82 -2.80 -15.95
C GLU A 96 -36.88 -1.79 -15.55
N LEU A 97 -38.12 -2.07 -15.93
CA LEU A 97 -39.26 -1.25 -15.50
C LEU A 97 -39.46 -1.27 -13.99
N VAL A 98 -39.47 -2.46 -13.41
CA VAL A 98 -39.65 -2.60 -11.96
C VAL A 98 -38.57 -1.78 -11.23
N ALA A 99 -37.33 -1.89 -11.70
CA ALA A 99 -36.20 -1.19 -11.11
C ALA A 99 -36.33 0.32 -11.16
N LEU A 101 -39.04 2.15 -11.49
CA LEU A 101 -40.19 2.65 -10.73
C LEU A 101 -39.99 2.65 -9.20
N GLU A 102 -38.90 2.03 -8.74
CA GLU A 102 -38.48 2.14 -7.33
C GLU A 102 -37.74 3.43 -7.01
N GLU A 103 -37.24 4.11 -8.03
CA GLU A 103 -36.49 5.35 -7.84
C GLU A 103 -37.36 6.50 -7.36
N GLU A 104 -36.96 7.20 -6.29
CA GLU A 104 -37.74 8.32 -5.75
C GLU A 104 -37.82 9.48 -6.70
N GLU A 105 -36.76 9.68 -7.48
CA GLU A 105 -36.74 10.73 -8.49
C GLU A 105 -37.92 10.61 -9.47
N LEU A 106 -38.41 9.38 -9.67
CA LEU A 106 -39.50 9.14 -10.62
C LEU A 106 -40.91 9.09 -9.99
N ARG A 107 -41.04 9.38 -8.70
CA ARG A 107 -42.35 9.30 -8.01
C ARG A 107 -43.49 10.04 -8.72
N LYS A 108 -43.19 11.21 -9.24
CA LYS A 108 -44.20 12.07 -9.84
C LYS A 108 -44.48 11.72 -11.29
N ALA A 109 -43.65 10.85 -11.88
CA ALA A 109 -43.73 10.63 -13.31
C ALA A 109 -44.90 9.73 -13.67
N ILE A 110 -45.51 10.06 -14.79
CA ILE A 110 -46.59 9.27 -15.35
C ILE A 110 -45.91 8.25 -16.26
N LEU A 111 -46.48 7.09 -16.44
CA LEU A 111 -45.88 6.07 -17.26
C LEU A 111 -46.76 5.81 -18.48
N VAL A 112 -46.18 5.90 -19.66
CA VAL A 112 -46.88 5.52 -20.86
C VAL A 112 -46.07 4.44 -21.56
N VAL A 113 -46.66 3.29 -21.73
CA VAL A 113 -45.96 2.17 -22.36
C VAL A 113 -46.37 2.13 -23.84
N PHE A 114 -45.39 2.20 -24.75
CA PHE A 114 -45.62 2.03 -26.19
C PHE A 114 -45.24 0.58 -26.52
N ALA A 115 -46.27 -0.24 -26.72
CA ALA A 115 -46.12 -1.57 -27.29
C ALA A 115 -45.85 -1.36 -28.79
N ASN A 116 -44.58 -1.20 -29.13
CA ASN A 116 -44.14 -0.69 -30.43
C ASN A 116 -43.97 -1.83 -31.46
N LYS A 117 -43.88 -1.45 -32.72
CA LYS A 117 -43.75 -2.45 -33.80
C LYS A 117 -45.01 -3.31 -33.94
N GLN A 118 -46.18 -2.70 -33.75
CA GLN A 118 -47.46 -3.39 -33.88
C GLN A 118 -47.89 -3.58 -35.35
N ASP A 119 -47.17 -2.92 -36.26
CA ASP A 119 -47.28 -3.20 -37.71
C ASP A 119 -46.77 -4.58 -38.09
N GLU A 121 -46.34 -8.68 -38.19
CA GLU A 121 -47.25 -9.84 -38.15
C GLU A 121 -47.24 -10.62 -36.84
N GLN A 122 -46.06 -10.80 -36.27
CA GLN A 122 -45.90 -11.63 -35.07
C GLN A 122 -46.02 -10.82 -33.76
N ALA A 123 -46.62 -9.65 -33.80
CA ALA A 123 -46.67 -8.77 -32.62
C ALA A 123 -47.53 -9.38 -31.53
N THR A 125 -50.08 -9.07 -28.39
CA THR A 125 -51.17 -8.14 -28.14
C THR A 125 -50.82 -7.26 -26.96
N SER A 126 -51.42 -6.08 -26.96
CA SER A 126 -51.36 -5.15 -25.83
C SER A 126 -51.63 -5.81 -24.47
N SER A 127 -52.63 -6.67 -24.41
CA SER A 127 -53.07 -7.30 -23.17
C SER A 127 -52.01 -8.29 -22.69
N GLU A 128 -51.47 -9.10 -23.59
CA GLU A 128 -50.40 -10.03 -23.23
C GLU A 128 -49.19 -9.28 -22.74
N ALA A 130 -49.09 -6.14 -21.34
CA ALA A 130 -49.43 -5.50 -20.05
C ALA A 130 -49.28 -6.54 -18.93
N ASN A 131 -49.82 -7.74 -19.13
CA ASN A 131 -49.68 -8.81 -18.14
C ASN A 131 -48.25 -9.22 -17.93
N SER A 132 -47.49 -9.35 -19.01
CA SER A 132 -46.11 -9.78 -18.92
C SER A 132 -45.25 -8.76 -18.19
N LEU A 133 -45.55 -7.49 -18.37
CA LEU A 133 -44.77 -6.41 -17.76
C LEU A 133 -45.20 -6.16 -16.30
N GLY A 134 -46.30 -6.78 -15.88
CA GLY A 134 -46.81 -6.59 -14.53
C GLY A 134 -47.54 -5.28 -14.35
N LEU A 135 -47.95 -4.66 -15.45
CA LEU A 135 -48.58 -3.34 -15.36
C LEU A 135 -49.78 -3.29 -14.40
N PRO A 136 -50.70 -4.27 -14.39
CA PRO A 136 -51.88 -4.20 -13.49
C PRO A 136 -51.55 -4.14 -12.00
N ALA A 137 -50.38 -4.65 -11.62
CA ALA A 137 -49.88 -4.52 -10.27
C ALA A 137 -49.40 -3.11 -9.87
N LEU A 138 -49.30 -2.15 -10.80
CA LEU A 138 -48.79 -0.81 -10.47
C LEU A 138 -49.91 0.11 -9.92
N LYS A 139 -50.35 -0.25 -8.72
CA LYS A 139 -51.31 0.47 -7.88
C LYS A 139 -51.10 1.98 -7.74
N ASP A 140 -49.86 2.37 -7.46
CA ASP A 140 -49.51 3.74 -7.09
C ASP A 140 -49.08 4.60 -8.27
N ARG A 141 -49.12 4.03 -9.47
CA ARG A 141 -48.58 4.65 -10.66
C ARG A 141 -49.72 4.91 -11.63
N LYS A 142 -49.79 6.13 -12.17
CA LYS A 142 -50.70 6.39 -13.27
C LYS A 142 -50.01 5.86 -14.54
N TRP A 143 -50.64 4.90 -15.20
CA TRP A 143 -50.04 4.26 -16.39
C TRP A 143 -51.11 3.88 -17.42
N GLN A 144 -50.70 3.78 -18.68
CA GLN A 144 -51.51 3.21 -19.76
C GLN A 144 -50.58 2.62 -20.82
N ILE A 145 -51.07 1.61 -21.52
CA ILE A 145 -50.34 0.94 -22.60
C ILE A 145 -51.05 1.25 -23.93
N PHE A 146 -50.27 1.53 -24.98
CA PHE A 146 -50.79 1.81 -26.32
C PHE A 146 -50.05 1.02 -27.37
N LYS A 147 -50.80 0.45 -28.33
CA LYS A 147 -50.22 -0.12 -29.55
C LYS A 147 -49.71 0.98 -30.46
N THR A 148 -48.44 0.91 -30.84
CA THR A 148 -47.82 1.89 -31.71
C THR A 148 -46.99 1.24 -32.77
N SER A 149 -46.76 2.02 -33.83
CA SER A 149 -45.78 1.73 -34.85
C SER A 149 -45.10 3.05 -35.13
N ALA A 150 -43.80 3.15 -34.83
CA ALA A 150 -43.03 4.35 -35.13
C ALA A 150 -42.82 4.52 -36.64
N THR A 151 -42.68 3.40 -37.34
CA THR A 151 -42.52 3.42 -38.81
C THR A 151 -43.78 3.80 -39.57
N LYS A 152 -44.94 3.29 -39.18
CA LYS A 152 -46.21 3.63 -39.84
C LYS A 152 -46.98 4.79 -39.20
N GLY A 153 -46.54 5.25 -38.03
CA GLY A 153 -47.18 6.34 -37.33
C GLY A 153 -48.39 5.99 -36.48
N THR A 154 -48.88 4.76 -36.58
CA THR A 154 -50.15 4.39 -35.91
C THR A 154 -50.03 4.43 -34.37
N GLY A 155 -51.10 4.87 -33.72
CA GLY A 155 -51.18 4.88 -32.26
C GLY A 155 -50.43 5.97 -31.52
N LEU A 156 -49.47 6.64 -32.18
CA LEU A 156 -48.65 7.64 -31.47
C LEU A 156 -49.47 8.82 -30.97
N ASP A 157 -50.39 9.30 -31.81
CA ASP A 157 -51.15 10.50 -31.49
C ASP A 157 -52.09 10.22 -30.32
N GLU A 158 -52.65 9.01 -30.26
CA GLU A 158 -53.57 8.63 -29.19
C GLU A 158 -52.80 8.49 -27.86
N ALA A 159 -51.64 7.89 -27.93
CA ALA A 159 -50.78 7.72 -26.75
C ALA A 159 -50.34 9.09 -26.24
N GLU A 161 -51.82 12.01 -26.78
CA GLU A 161 -53.01 12.72 -26.33
C GLU A 161 -53.33 12.30 -24.90
N TRP A 162 -53.23 11.01 -24.62
CA TRP A 162 -53.43 10.52 -23.25
C TRP A 162 -52.39 11.10 -22.27
N LEU A 163 -51.13 11.16 -22.70
CA LEU A 163 -50.06 11.70 -21.87
C LEU A 163 -50.34 13.16 -21.50
N VAL A 164 -50.74 13.94 -22.49
CA VAL A 164 -51.00 15.34 -22.28
C VAL A 164 -52.22 15.54 -21.42
N GLU A 165 -53.29 14.78 -21.64
CA GLU A 165 -54.49 14.90 -20.78
C GLU A 165 -54.16 14.55 -19.33
N THR A 166 -53.36 13.50 -19.15
CA THR A 166 -52.97 13.03 -17.84
C THR A 166 -52.08 14.05 -17.11
N LEU A 167 -51.11 14.64 -17.81
CA LEU A 167 -50.27 15.70 -17.23
C LEU A 167 -51.10 16.93 -16.78
N LYS A 168 -52.08 17.30 -17.59
CA LYS A 168 -52.96 18.45 -17.31
C LYS A 168 -53.83 18.22 -16.08
N SER A 169 -54.14 16.95 -15.82
CA SER A 169 -54.97 16.52 -14.70
C SER A 169 -54.19 16.36 -13.37
N ARG A 170 -52.88 16.55 -13.35
CA ARG A 170 -52.09 16.28 -12.14
C ARG A 170 -52.55 17.16 -10.97
N GLN A 171 -52.57 16.54 -9.80
CA GLN A 171 -53.05 17.21 -8.60
C GLN A 171 -52.26 18.49 -8.30
N GLU B 3 -12.33 -0.54 -28.82
CA GLU B 3 -12.50 0.56 -27.82
C GLU B 3 -13.57 0.23 -26.77
N PRO B 4 -13.29 0.54 -25.50
CA PRO B 4 -14.32 0.44 -24.46
C PRO B 4 -15.59 1.21 -24.86
N THR B 5 -16.74 0.57 -24.70
CA THR B 5 -18.04 1.18 -24.94
C THR B 5 -18.17 2.48 -24.17
N GLU B 6 -17.54 2.52 -23.00
CA GLU B 6 -17.67 3.66 -22.10
C GLU B 6 -17.02 4.92 -22.66
N PHE B 7 -16.04 4.77 -23.53
CA PHE B 7 -15.34 5.93 -24.11
C PHE B 7 -16.21 6.73 -25.02
N GLU B 8 -16.93 6.05 -25.90
CA GLU B 8 -17.90 6.71 -26.77
C GLU B 8 -18.98 7.40 -25.94
N TYR B 9 -19.46 6.71 -24.92
CA TYR B 9 -20.51 7.24 -24.06
C TYR B 9 -19.97 8.47 -23.33
N LEU B 10 -18.79 8.34 -22.74
CA LEU B 10 -18.16 9.41 -21.98
C LEU B 10 -17.84 10.64 -22.81
N ARG B 11 -17.52 10.48 -24.09
CA ARG B 11 -17.25 11.62 -24.97
C ARG B 11 -18.48 12.46 -25.25
N LYS B 12 -19.60 11.80 -25.48
CA LYS B 12 -20.88 12.48 -25.67
C LYS B 12 -21.24 13.29 -24.41
N VAL B 13 -21.11 12.64 -23.27
CA VAL B 13 -21.49 13.21 -21.99
C VAL B 13 -20.50 14.32 -21.58
N LEU B 14 -19.22 14.09 -21.79
CA LEU B 14 -18.21 15.06 -21.39
C LEU B 14 -18.24 16.26 -22.29
N PHE B 15 -18.62 16.07 -23.54
CA PHE B 15 -18.67 17.19 -24.45
C PHE B 15 -19.75 18.17 -24.00
N GLU B 16 -20.94 17.67 -23.72
CA GLU B 16 -22.01 18.52 -23.17
C GLU B 16 -21.59 19.19 -21.86
N TYR B 17 -21.01 18.44 -20.95
CA TYR B 17 -20.57 19.00 -19.67
C TYR B 17 -19.53 20.11 -19.80
N GLY B 20 -20.82 23.34 -21.07
CA GLY B 20 -21.67 24.04 -20.13
C GLY B 20 -23.15 23.73 -20.27
N ARG B 21 -23.48 22.61 -20.89
CA ARG B 21 -24.88 22.24 -21.12
C ARG B 21 -25.33 21.12 -20.15
N GLU B 22 -26.51 21.33 -19.56
CA GLU B 22 -27.10 20.35 -18.63
C GLU B 22 -26.04 19.80 -17.68
N THR B 23 -25.31 20.69 -17.02
CA THR B 23 -24.12 20.28 -16.30
C THR B 23 -24.39 19.42 -15.09
N LYS B 24 -25.46 19.66 -14.35
CA LYS B 24 -25.79 18.82 -13.21
C LYS B 24 -26.05 17.37 -13.60
N THR B 25 -26.88 17.20 -14.62
CA THR B 25 -27.21 15.88 -15.10
C THR B 25 -25.95 15.17 -15.58
N ALA B 27 -22.90 15.78 -14.70
CA ALA B 27 -22.00 15.48 -13.58
C ALA B 27 -22.44 14.20 -12.89
N LYS B 28 -23.75 14.03 -12.73
CA LYS B 28 -24.25 12.74 -12.22
C LYS B 28 -23.85 11.56 -13.13
N VAL B 29 -24.02 11.73 -14.42
CA VAL B 29 -23.68 10.65 -15.33
C VAL B 29 -22.17 10.29 -15.27
N ILE B 30 -21.32 11.30 -15.30
CA ILE B 30 -19.87 11.10 -15.36
C ILE B 30 -19.43 10.38 -14.09
N THR B 31 -19.91 10.84 -12.93
CA THR B 31 -19.50 10.22 -11.68
C THR B 31 -20.00 8.76 -11.52
N THR B 32 -21.13 8.44 -12.15
CA THR B 32 -21.65 7.06 -12.19
C THR B 32 -20.87 6.15 -13.13
N VAL B 33 -20.66 6.61 -14.36
CA VAL B 33 -19.93 5.85 -15.37
C VAL B 33 -18.53 5.46 -14.85
N LEU B 34 -17.85 6.41 -14.23
CA LEU B 34 -16.48 6.21 -13.75
C LEU B 34 -16.40 5.69 -12.32
N LYS B 35 -17.54 5.34 -11.74
CA LYS B 35 -17.57 4.67 -10.43
C LYS B 35 -16.86 5.43 -9.31
N PHE B 36 -17.14 6.73 -9.24
CA PHE B 36 -16.60 7.59 -8.19
C PHE B 36 -17.20 7.15 -6.86
N PRO B 37 -16.46 7.30 -5.77
CA PRO B 37 -16.99 7.04 -4.43
C PRO B 37 -18.00 8.10 -4.06
N ASP B 38 -19.03 7.74 -3.30
CA ASP B 38 -20.11 8.65 -3.04
C ASP B 38 -19.68 9.92 -2.31
N ASP B 39 -18.63 9.90 -1.48
CA ASP B 39 -18.19 11.15 -0.82
C ASP B 39 -17.73 12.20 -1.87
N GLN B 40 -16.95 11.75 -2.85
CA GLN B 40 -16.47 12.66 -3.90
C GLN B 40 -17.61 13.12 -4.82
N THR B 41 -18.54 12.22 -5.11
CA THR B 41 -19.68 12.53 -5.92
C THR B 41 -20.52 13.59 -5.23
N GLN B 42 -20.77 13.45 -3.94
CA GLN B 42 -21.60 14.44 -3.28
C GLN B 42 -20.88 15.77 -3.20
N LYS B 43 -19.56 15.79 -3.09
CA LYS B 43 -18.83 17.06 -3.08
C LYS B 43 -18.97 17.79 -4.41
N ILE B 44 -18.86 17.02 -5.49
CA ILE B 44 -18.98 17.51 -6.87
C ILE B 44 -20.40 18.02 -7.11
N LEU B 45 -21.39 17.26 -6.69
CA LEU B 45 -22.78 17.65 -6.89
C LEU B 45 -23.16 18.86 -6.01
N GLU B 46 -22.61 18.94 -4.80
CA GLU B 46 -22.85 20.11 -3.92
C GLU B 46 -22.32 21.33 -4.64
N ARG B 47 -21.18 21.20 -5.29
CA ARG B 47 -20.57 22.31 -6.00
C ARG B 47 -21.35 22.78 -7.20
N GLU B 48 -21.90 21.84 -7.98
CA GLU B 48 -22.82 22.18 -9.05
C GLU B 48 -24.04 22.95 -8.53
N ASP B 49 -24.63 22.44 -7.44
CA ASP B 49 -25.82 23.04 -6.83
C ASP B 49 -25.55 24.45 -6.32
N ALA B 50 -24.32 24.70 -5.88
CA ALA B 50 -23.90 26.01 -5.39
C ALA B 50 -23.72 27.00 -6.53
N ARG B 51 -23.22 26.54 -7.67
CA ARG B 51 -23.09 27.37 -8.87
C ARG B 51 -24.45 27.81 -9.39
N LEU B 52 -25.39 26.88 -9.43
CA LEU B 52 -26.76 27.13 -9.85
C LEU B 52 -27.51 28.00 -8.83
N SER B 54 -25.97 30.31 -6.98
CA SER B 54 -25.37 31.63 -7.12
C SER B 54 -25.83 32.34 -8.39
N TRP B 55 -26.31 31.57 -9.37
CA TRP B 55 -26.85 32.09 -10.63
C TRP B 55 -28.32 32.53 -10.46
N LEU B 56 -29.08 31.76 -9.69
CA LEU B 56 -30.51 32.03 -9.48
C LEU B 56 -30.74 33.26 -8.59
N ARG B 57 -29.80 33.54 -7.69
CA ARG B 57 -29.92 34.65 -6.72
C ARG B 57 -29.27 35.96 -7.20
N SER B 58 -28.28 35.87 -8.08
CA SER B 58 -27.69 37.05 -8.71
C SER B 58 -28.65 37.59 -9.79
N SER B 59 -28.81 38.92 -9.83
CA SER B 59 -29.61 39.57 -10.88
C SER B 59 -28.82 39.61 -12.18
N SER B 60 -27.59 40.14 -12.12
CA SER B 60 -26.69 40.20 -13.28
C SER B 60 -25.93 38.88 -13.45
N ARG C 9 7.37 25.45 -11.04
CA ARG C 9 6.71 24.19 -11.35
C ARG C 9 7.70 23.14 -11.93
N ILE C 10 7.79 21.98 -11.27
CA ILE C 10 8.73 20.91 -11.61
C ILE C 10 7.94 19.66 -11.99
N LEU C 11 8.35 18.96 -13.07
CA LEU C 11 7.79 17.66 -13.43
C LEU C 11 8.82 16.58 -13.11
N ILE C 12 8.39 15.51 -12.45
CA ILE C 12 9.23 14.32 -12.27
C ILE C 12 8.71 13.27 -13.23
N LEU C 13 9.53 12.93 -14.22
CA LEU C 13 9.20 11.98 -15.24
C LEU C 13 10.24 10.84 -15.30
N GLY C 14 9.91 9.82 -16.07
CA GLY C 14 10.68 8.59 -16.13
C GLY C 14 9.76 7.37 -16.16
N LEU C 15 10.33 6.23 -16.58
CA LEU C 15 9.55 5.02 -16.79
C LEU C 15 9.08 4.52 -15.45
N ASP C 16 8.05 3.68 -15.47
CA ASP C 16 7.54 3.00 -14.27
C ASP C 16 8.66 2.27 -13.56
N GLY C 17 8.63 2.24 -12.24
CA GLY C 17 9.66 1.58 -11.47
C GLY C 17 10.95 2.36 -11.26
N ALA C 18 11.15 3.48 -11.97
CA ALA C 18 12.37 4.28 -11.87
C ALA C 18 12.63 4.86 -10.47
N GLY C 19 11.58 5.06 -9.67
CA GLY C 19 11.66 5.65 -8.34
C GLY C 19 11.10 7.08 -8.15
N LYS C 20 10.30 7.55 -9.09
CA LYS C 20 9.74 8.90 -9.07
C LYS C 20 8.99 9.25 -7.80
N THR C 21 8.08 8.37 -7.40
CA THR C 21 7.19 8.67 -6.30
C THR C 21 7.99 8.60 -5.02
N THR C 22 8.90 7.62 -4.97
CA THR C 22 9.82 7.46 -3.84
C THR C 22 10.69 8.70 -3.69
N ILE C 23 11.18 9.25 -4.80
CA ILE C 23 11.95 10.52 -4.74
C ILE C 23 11.09 11.69 -4.22
N LEU C 24 9.87 11.86 -4.76
CA LEU C 24 8.98 12.94 -4.33
C LEU C 24 8.80 13.01 -2.81
N TYR C 25 8.43 11.89 -2.18
CA TYR C 25 8.26 11.88 -0.74
C TYR C 25 9.57 11.88 0.04
N ARG C 26 10.65 11.39 -0.55
CA ARG C 26 11.98 11.56 0.06
C ARG C 26 12.36 13.05 0.13
N LEU C 27 12.04 13.80 -0.92
CA LEU C 27 12.27 15.26 -0.97
C LEU C 27 11.34 16.04 -0.04
N GLN C 28 10.13 15.52 0.16
CA GLN C 28 9.16 16.21 0.97
C GLN C 28 9.38 15.95 2.45
N VAL C 29 9.60 14.70 2.82
CA VAL C 29 9.59 14.30 4.22
C VAL C 29 10.83 13.49 4.63
N GLY C 30 11.91 13.60 3.85
CA GLY C 30 13.15 12.91 4.15
C GLY C 30 13.03 11.45 4.60
N GLU C 31 12.07 10.72 4.06
CA GLU C 31 11.90 9.30 4.40
C GLU C 31 11.43 8.47 3.22
N VAL C 32 11.70 7.17 3.28
CA VAL C 32 11.17 6.23 2.32
C VAL C 32 9.72 5.91 2.68
N VAL C 33 8.89 5.84 1.64
CA VAL C 33 7.49 5.53 1.77
C VAL C 33 7.15 4.36 0.85
N THR C 34 6.13 3.59 1.22
CA THR C 34 5.65 2.50 0.39
C THR C 34 4.83 3.09 -0.73
N THR C 35 5.00 2.55 -1.93
CA THR C 35 4.30 3.04 -3.10
C THR C 35 3.54 1.95 -3.81
N ILE C 36 2.60 2.39 -4.63
CA ILE C 36 2.01 1.54 -5.64
C ILE C 36 2.24 2.25 -6.96
N PRO C 37 2.15 1.51 -8.08
CA PRO C 37 2.23 2.14 -9.39
C PRO C 37 1.25 3.31 -9.51
N THR C 38 1.79 4.44 -9.97
CA THR C 38 1.05 5.69 -10.00
C THR C 38 0.21 5.73 -11.27
N ILE C 39 -1.11 5.58 -11.15
CA ILE C 39 -2.00 5.55 -12.30
C ILE C 39 -2.69 6.86 -12.29
N GLY C 40 -1.96 7.87 -12.72
CA GLY C 40 -2.36 9.24 -12.54
C GLY C 40 -1.12 10.05 -12.24
N PHE C 41 -1.17 10.81 -11.14
CA PHE C 41 -0.09 11.69 -10.73
C PHE C 41 -0.21 11.94 -9.25
N ASN C 42 0.90 12.32 -8.65
CA ASN C 42 0.99 12.91 -7.32
C ASN C 42 1.52 14.33 -7.43
N VAL C 43 0.98 15.24 -6.63
CA VAL C 43 1.50 16.60 -6.61
C VAL C 43 1.69 17.02 -5.16
N GLU C 44 2.84 17.59 -4.85
CA GLU C 44 3.16 18.09 -3.52
C GLU C 44 3.96 19.37 -3.71
N THR C 45 3.87 20.30 -2.78
CA THR C 45 4.79 21.44 -2.78
C THR C 45 5.94 21.11 -1.84
N VAL C 46 7.16 21.39 -2.28
CA VAL C 46 8.38 21.03 -1.57
C VAL C 46 9.12 22.31 -1.25
N THR C 47 9.75 22.35 -0.06
CA THR C 47 10.48 23.54 0.40
C THR C 47 11.97 23.24 0.46
N TYR C 48 12.73 23.88 -0.43
CA TYR C 48 14.19 23.76 -0.42
C TYR C 48 14.84 25.16 -0.35
N LYS C 49 15.80 25.31 0.56
CA LYS C 49 16.52 26.58 0.77
C LYS C 49 15.55 27.77 0.72
N ASN C 50 14.59 27.75 1.66
CA ASN C 50 13.54 28.77 1.76
C ASN C 50 12.97 29.15 0.37
N LEU C 51 12.39 28.15 -0.29
CA LEU C 51 11.80 28.30 -1.63
C LEU C 51 10.79 27.18 -1.90
N LYS C 52 9.69 27.52 -2.57
CA LYS C 52 8.58 26.59 -2.81
C LYS C 52 8.49 26.15 -4.26
N PHE C 53 8.45 24.83 -4.46
CA PHE C 53 8.25 24.25 -5.78
C PHE C 53 6.99 23.41 -5.76
N GLN C 54 6.16 23.58 -6.77
CA GLN C 54 5.10 22.61 -7.06
C GLN C 54 5.61 21.48 -7.98
N VAL C 55 5.68 20.30 -7.42
CA VAL C 55 6.29 19.13 -8.06
C VAL C 55 5.20 18.13 -8.46
N TRP C 56 5.14 17.80 -9.74
CA TRP C 56 4.21 16.84 -10.29
C TRP C 56 4.94 15.57 -10.66
N ASP C 57 4.51 14.47 -10.06
CA ASP C 57 5.05 13.15 -10.29
C ASP C 57 4.07 12.44 -11.19
N LEU C 58 4.44 12.20 -12.44
CA LEU C 58 3.56 11.60 -13.41
C LEU C 58 3.86 10.10 -13.52
N GLY C 59 2.82 9.28 -13.58
CA GLY C 59 3.02 7.85 -13.73
C GLY C 59 3.73 7.49 -15.02
N GLY C 60 4.61 6.48 -14.98
CA GLY C 60 5.43 6.10 -16.12
C GLY C 60 5.09 4.81 -16.85
N LEU C 61 4.02 4.13 -16.44
CA LEU C 61 3.60 2.93 -17.13
C LEU C 61 3.42 3.20 -18.61
N THR C 62 3.70 2.18 -19.43
CA THR C 62 3.58 2.32 -20.89
C THR C 62 2.32 3.02 -21.42
N SER C 63 1.14 2.58 -20.97
CA SER C 63 -0.14 3.09 -21.51
C SER C 63 -0.39 4.56 -21.19
N ILE C 64 0.23 5.08 -20.13
CA ILE C 64 0.01 6.46 -19.71
C ILE C 64 1.15 7.46 -19.93
N ARG C 65 2.32 6.97 -20.35
CA ARG C 65 3.43 7.83 -20.82
C ARG C 65 3.02 8.85 -21.89
N PRO C 66 2.21 8.47 -22.88
CA PRO C 66 1.79 9.40 -23.93
C PRO C 66 1.04 10.65 -23.44
N TYR C 67 0.54 10.62 -22.21
CA TYR C 67 -0.21 11.73 -21.64
C TYR C 67 0.69 12.74 -20.94
N TRP C 68 1.98 12.43 -20.80
CA TRP C 68 2.93 13.32 -20.14
C TRP C 68 2.91 14.75 -20.73
N ARG C 69 2.88 14.84 -22.06
CA ARG C 69 2.92 16.14 -22.78
C ARG C 69 1.76 17.06 -22.43
N CYS C 70 0.63 16.48 -22.02
CA CYS C 70 -0.51 17.28 -21.54
C CYS C 70 -0.16 18.22 -20.39
N TYR C 71 0.86 17.87 -19.61
CA TYR C 71 1.23 18.61 -18.40
C TYR C 71 2.41 19.60 -18.60
N TYR C 72 2.88 19.76 -19.84
CA TYR C 72 4.14 20.46 -20.08
C TYR C 72 4.03 21.99 -19.95
N SER C 73 2.84 22.56 -20.16
CA SER C 73 2.69 24.03 -20.13
C SER C 73 3.22 24.53 -18.83
N ASN C 74 4.07 25.56 -18.92
CA ASN C 74 4.59 26.28 -17.77
C ASN C 74 5.45 25.45 -16.83
N THR C 75 6.34 24.68 -17.43
CA THR C 75 7.27 23.82 -16.70
C THR C 75 8.62 24.53 -16.66
N ASP C 76 9.14 24.74 -15.45
CA ASP C 76 10.42 25.40 -15.25
C ASP C 76 11.55 24.39 -15.27
N ALA C 77 11.30 23.17 -14.75
CA ALA C 77 12.32 22.12 -14.76
C ALA C 77 11.71 20.73 -14.89
N VAL C 78 12.46 19.80 -15.47
CA VAL C 78 12.11 18.38 -15.43
C VAL C 78 13.16 17.59 -14.63
N ILE C 79 12.73 16.87 -13.60
CA ILE C 79 13.58 15.86 -12.98
C ILE C 79 13.29 14.55 -13.71
N TYR C 80 14.28 14.03 -14.43
CA TYR C 80 14.06 12.80 -15.19
C TYR C 80 14.77 11.69 -14.46
N VAL C 81 14.01 10.69 -14.04
CA VAL C 81 14.52 9.69 -13.11
C VAL C 81 14.72 8.46 -13.95
N VAL C 82 15.87 7.82 -13.81
CA VAL C 82 16.25 6.69 -14.64
C VAL C 82 16.78 5.61 -13.72
N ASP C 83 16.21 4.41 -13.83
CA ASP C 83 16.66 3.21 -13.10
C ASP C 83 17.99 2.79 -13.70
N SER C 84 19.04 2.99 -12.92
CA SER C 84 20.41 2.71 -13.36
C SER C 84 20.65 1.21 -13.66
N CYS C 85 19.89 0.33 -13.00
CA CYS C 85 19.95 -1.12 -13.23
C CYS C 85 19.22 -1.61 -14.46
N ASP C 86 18.35 -0.78 -15.01
CA ASP C 86 17.53 -1.19 -16.14
C ASP C 86 18.22 -0.91 -17.47
N ARG C 87 19.16 -1.78 -17.83
CA ARG C 87 19.93 -1.59 -19.06
C ARG C 87 19.06 -1.79 -20.29
N ASP C 88 18.07 -2.67 -20.20
CA ASP C 88 17.25 -2.98 -21.36
C ASP C 88 16.36 -1.83 -21.85
N ARG C 89 15.91 -0.99 -20.92
CA ARG C 89 14.99 0.07 -21.27
C ARG C 89 15.59 1.45 -21.26
N ILE C 90 16.91 1.59 -21.22
CA ILE C 90 17.54 2.90 -21.27
C ILE C 90 17.27 3.53 -22.63
N GLY C 91 17.21 2.69 -23.67
CA GLY C 91 16.81 3.12 -24.99
C GLY C 91 15.42 3.76 -25.02
N ILE C 92 14.50 3.19 -24.26
CA ILE C 92 13.14 3.73 -24.13
C ILE C 92 13.18 5.12 -23.46
N SER C 93 13.96 5.23 -22.40
CA SER C 93 14.10 6.47 -21.68
C SER C 93 14.67 7.53 -22.59
N LYS C 94 15.60 7.13 -23.46
CA LYS C 94 16.24 8.08 -24.36
C LYS C 94 15.25 8.56 -25.40
N SER C 95 14.46 7.66 -25.96
CA SER C 95 13.43 8.06 -26.94
C SER C 95 12.36 8.97 -26.31
N GLU C 96 12.02 8.74 -25.03
CA GLU C 96 11.04 9.61 -24.35
C GLU C 96 11.66 11.00 -24.08
N LEU C 97 12.96 11.02 -23.78
CA LEU C 97 13.68 12.26 -23.51
C LEU C 97 13.85 13.08 -24.80
N VAL C 98 14.17 12.44 -25.92
CA VAL C 98 14.25 13.13 -27.23
C VAL C 98 12.92 13.72 -27.64
N ALA C 99 11.86 12.92 -27.51
CA ALA C 99 10.52 13.36 -27.87
C ALA C 99 10.08 14.59 -27.05
N LEU C 101 11.97 16.84 -25.35
CA LEU C 101 12.78 18.02 -25.57
C LEU C 101 12.57 18.67 -26.95
N GLU C 102 11.81 18.02 -27.83
CA GLU C 102 11.36 18.69 -29.06
C GLU C 102 10.13 19.60 -28.86
N GLU C 103 9.48 19.48 -27.70
CA GLU C 103 8.24 20.21 -27.40
C GLU C 103 8.52 21.70 -27.14
N GLU C 104 7.81 22.58 -27.86
CA GLU C 104 8.05 24.02 -27.73
C GLU C 104 7.87 24.48 -26.28
N GLU C 105 6.92 23.88 -25.57
CA GLU C 105 6.62 24.27 -24.19
C GLU C 105 7.78 24.08 -23.24
N LEU C 106 8.65 23.11 -23.50
CA LEU C 106 9.82 22.90 -22.65
C LEU C 106 11.10 23.57 -23.18
N ARG C 107 10.99 24.42 -24.20
CA ARG C 107 12.15 25.12 -24.80
C ARG C 107 13.18 25.57 -23.74
N LYS C 108 12.70 26.22 -22.69
CA LYS C 108 13.55 26.85 -21.69
C LYS C 108 13.70 26.09 -20.37
N ALA C 109 13.13 24.88 -20.30
CA ALA C 109 13.16 24.13 -19.06
C ALA C 109 14.57 23.62 -18.75
N ILE C 110 14.94 23.66 -17.47
CA ILE C 110 16.11 23.03 -16.93
C ILE C 110 15.86 21.53 -16.82
N LEU C 111 16.86 20.72 -17.18
CA LEU C 111 16.75 19.26 -17.16
C LEU C 111 17.73 18.75 -16.16
N VAL C 112 17.26 18.12 -15.09
CA VAL C 112 18.17 17.35 -14.23
C VAL C 112 17.83 15.84 -14.33
N VAL C 113 18.84 15.02 -14.62
CA VAL C 113 18.64 13.58 -14.78
C VAL C 113 19.09 12.96 -13.46
N PHE C 114 18.22 12.19 -12.79
CA PHE C 114 18.57 11.46 -11.58
C PHE C 114 18.82 10.02 -12.01
N ALA C 115 20.09 9.61 -11.97
CA ALA C 115 20.50 8.24 -12.20
C ALA C 115 20.28 7.52 -10.90
N ASN C 116 19.07 7.01 -10.74
CA ASN C 116 18.62 6.50 -9.46
C ASN C 116 18.97 5.02 -9.31
N LYS C 117 18.82 4.52 -8.09
CA LYS C 117 19.14 3.15 -7.68
C LYS C 117 20.64 2.88 -7.79
N GLN C 118 21.44 3.90 -7.48
CA GLN C 118 22.90 3.77 -7.46
C GLN C 118 23.42 3.00 -6.23
N ASP C 119 22.57 2.77 -5.25
CA ASP C 119 22.88 1.84 -4.16
C ASP C 119 23.10 0.37 -4.61
N GLU C 121 24.73 -2.79 -6.84
CA GLU C 121 25.98 -3.15 -7.55
C GLU C 121 25.79 -3.26 -9.08
N GLN C 122 24.57 -3.60 -9.47
CA GLN C 122 24.20 -3.74 -10.88
C GLN C 122 23.98 -2.38 -11.57
N ALA C 123 24.21 -1.27 -10.86
CA ALA C 123 23.95 0.06 -11.40
C ALA C 123 24.91 0.37 -12.50
N THR C 125 27.02 3.19 -14.58
CA THR C 125 27.71 4.37 -14.11
C THR C 125 27.06 5.59 -14.73
N SER C 126 27.20 6.72 -14.04
CA SER C 126 26.72 7.99 -14.54
C SER C 126 27.14 8.24 -16.01
N SER C 127 28.36 7.83 -16.36
CA SER C 127 28.92 8.05 -17.68
C SER C 127 28.25 7.27 -18.81
N GLU C 128 28.05 5.96 -18.64
CA GLU C 128 27.33 5.13 -19.62
C GLU C 128 25.96 5.72 -19.92
N ALA C 130 24.64 8.85 -19.38
CA ALA C 130 24.67 10.07 -20.17
C ALA C 130 24.86 9.76 -21.65
N ASN C 131 25.75 8.82 -21.98
CA ASN C 131 25.99 8.50 -23.40
C ASN C 131 24.76 7.82 -24.02
N SER C 132 24.14 6.91 -23.29
CA SER C 132 22.99 6.15 -23.80
C SER C 132 21.77 7.05 -23.98
N LEU C 133 21.69 8.07 -23.13
CA LEU C 133 20.57 9.01 -23.13
C LEU C 133 20.82 10.15 -24.10
N GLY C 134 22.01 10.20 -24.70
CA GLY C 134 22.32 11.24 -25.66
C GLY C 134 22.53 12.62 -25.08
N LEU C 135 22.92 12.71 -23.80
CA LEU C 135 23.01 13.99 -23.08
C LEU C 135 24.15 14.93 -23.53
N PRO C 136 25.36 14.42 -23.76
CA PRO C 136 26.42 15.27 -24.32
C PRO C 136 26.05 15.87 -25.68
N ALA C 137 25.16 15.20 -26.42
CA ALA C 137 24.71 15.70 -27.73
C ALA C 137 23.62 16.79 -27.65
N LEU C 138 23.08 17.03 -26.45
CA LEU C 138 21.98 17.97 -26.32
C LEU C 138 22.47 19.40 -26.49
N LYS C 139 21.75 20.17 -27.31
CA LYS C 139 22.10 21.56 -27.56
C LYS C 139 21.00 22.48 -27.02
N ASP C 140 21.38 23.73 -26.74
CA ASP C 140 20.47 24.74 -26.18
C ASP C 140 19.81 24.31 -24.88
N ARG C 141 20.49 23.49 -24.10
CA ARG C 141 19.92 22.92 -22.90
C ARG C 141 20.89 23.02 -21.74
N LYS C 142 20.38 23.55 -20.62
CA LYS C 142 21.05 23.46 -19.33
C LYS C 142 20.66 22.10 -18.70
N TRP C 143 21.66 21.27 -18.47
CA TRP C 143 21.43 19.93 -17.96
C TRP C 143 22.57 19.47 -17.09
N GLN C 144 22.25 18.59 -16.15
CA GLN C 144 23.25 17.87 -15.37
C GLN C 144 22.68 16.50 -14.97
N ILE C 145 23.57 15.54 -14.72
CA ILE C 145 23.19 14.22 -14.24
C ILE C 145 23.77 14.00 -12.86
N PHE C 146 23.00 13.33 -12.03
CA PHE C 146 23.40 13.07 -10.67
C PHE C 146 23.10 11.63 -10.25
N LYS C 147 23.98 11.08 -9.42
CA LYS C 147 23.83 9.77 -8.80
C LYS C 147 22.97 9.84 -7.54
N THR C 148 21.85 9.12 -7.56
CA THR C 148 20.91 9.10 -6.46
C THR C 148 20.52 7.70 -6.03
N SER C 149 20.23 7.57 -4.75
CA SER C 149 19.44 6.48 -4.24
C SER C 149 18.32 7.09 -3.40
N ALA C 150 17.08 6.96 -3.86
CA ALA C 150 15.93 7.41 -3.12
C ALA C 150 15.71 6.64 -1.80
N THR C 151 16.16 5.39 -1.73
CA THR C 151 15.94 4.58 -0.53
C THR C 151 16.92 4.91 0.59
N LYS C 152 18.20 5.04 0.24
CA LYS C 152 19.27 5.40 1.19
C LYS C 152 19.29 6.91 1.49
N GLY C 153 18.97 7.73 0.50
CA GLY C 153 19.01 9.19 0.62
C GLY C 153 20.19 9.90 -0.05
N THR C 154 21.12 9.15 -0.62
CA THR C 154 22.35 9.74 -1.12
C THR C 154 22.15 10.48 -2.45
N GLY C 155 22.79 11.64 -2.57
CA GLY C 155 22.87 12.35 -3.84
C GLY C 155 21.73 13.31 -4.11
N LEU C 156 20.70 13.28 -3.27
CA LEU C 156 19.50 14.08 -3.48
C LEU C 156 19.69 15.54 -3.10
N ASP C 157 20.21 15.77 -1.90
CA ASP C 157 20.50 17.12 -1.40
C ASP C 157 21.36 17.92 -2.38
N GLU C 158 22.29 17.22 -3.02
CA GLU C 158 23.27 17.81 -3.94
C GLU C 158 22.69 18.06 -5.34
N ALA C 159 21.83 17.16 -5.81
CA ALA C 159 21.15 17.39 -7.09
C ALA C 159 20.18 18.57 -6.95
N GLU C 161 20.44 21.12 -4.80
CA GLU C 161 21.24 22.35 -4.69
C GLU C 161 21.51 22.90 -6.10
N TRP C 162 21.86 22.01 -7.02
CA TRP C 162 22.15 22.40 -8.40
C TRP C 162 20.94 22.92 -9.17
N LEU C 163 19.80 22.27 -9.00
CA LEU C 163 18.58 22.65 -9.71
C LEU C 163 18.12 24.04 -9.27
N VAL C 164 18.17 24.28 -7.96
CA VAL C 164 17.67 25.52 -7.38
C VAL C 164 18.55 26.70 -7.82
N GLU C 165 19.86 26.55 -7.69
CA GLU C 165 20.82 27.58 -8.13
C GLU C 165 20.72 27.85 -9.63
N THR C 166 20.50 26.80 -10.43
CA THR C 166 20.37 26.97 -11.86
C THR C 166 19.08 27.73 -12.20
N LEU C 167 18.00 27.42 -11.48
CA LEU C 167 16.74 28.12 -11.67
C LEU C 167 16.86 29.58 -11.20
N LYS C 168 17.55 29.80 -10.08
CA LYS C 168 17.74 31.16 -9.56
C LYS C 168 18.47 32.06 -10.56
N SER C 169 19.31 31.48 -11.42
CA SER C 169 20.11 32.23 -12.40
C SER C 169 19.48 32.36 -13.78
N ARG C 170 18.15 32.28 -13.84
CA ARG C 170 17.35 32.21 -15.07
C ARG C 170 17.15 30.73 -15.44
N GLY D 2 -10.22 -7.29 -16.00
CA GLY D 2 -9.55 -6.04 -15.53
C GLY D 2 -10.09 -4.84 -16.26
N GLU D 3 -10.60 -3.84 -15.51
CA GLU D 3 -11.03 -2.51 -15.97
C GLU D 3 -9.90 -1.89 -16.79
N PRO D 4 -10.23 -1.21 -17.89
CA PRO D 4 -9.17 -0.46 -18.60
C PRO D 4 -8.58 0.55 -17.60
N THR D 5 -7.26 0.71 -17.64
CA THR D 5 -6.56 1.51 -16.65
C THR D 5 -6.85 2.99 -16.85
N GLU D 6 -7.36 3.34 -18.03
CA GLU D 6 -7.81 4.69 -18.29
C GLU D 6 -8.88 5.11 -17.29
N PHE D 7 -9.70 4.17 -16.79
CA PHE D 7 -10.74 4.53 -15.81
C PHE D 7 -10.16 5.05 -14.52
N GLU D 8 -9.19 4.35 -13.94
CA GLU D 8 -8.53 4.85 -12.74
C GLU D 8 -7.89 6.23 -13.02
N TYR D 9 -7.25 6.34 -14.18
CA TYR D 9 -6.56 7.55 -14.54
C TYR D 9 -7.58 8.72 -14.60
N LEU D 10 -8.70 8.49 -15.27
CA LEU D 10 -9.72 9.52 -15.44
C LEU D 10 -10.40 9.90 -14.12
N ARG D 11 -10.55 8.96 -13.18
CA ARG D 11 -11.14 9.28 -11.88
C ARG D 11 -10.35 10.35 -11.15
N LYS D 12 -9.04 10.23 -11.21
CA LYS D 12 -8.16 11.21 -10.58
C LYS D 12 -8.24 12.59 -11.28
N VAL D 13 -8.20 12.56 -12.62
CA VAL D 13 -8.18 13.75 -13.46
C VAL D 13 -9.53 14.48 -13.38
N LEU D 14 -10.61 13.73 -13.54
CA LEU D 14 -11.94 14.31 -13.46
C LEU D 14 -12.35 14.80 -12.06
N PHE D 15 -11.94 14.11 -10.99
CA PHE D 15 -12.15 14.66 -9.65
C PHE D 15 -11.53 16.05 -9.54
N GLU D 16 -10.26 16.16 -9.90
CA GLU D 16 -9.56 17.45 -9.85
C GLU D 16 -10.29 18.54 -10.67
N TYR D 17 -10.58 18.23 -11.93
CA TYR D 17 -11.27 19.12 -12.84
C TYR D 17 -12.64 19.56 -12.31
N GLY D 20 -12.67 22.11 -9.67
CA GLY D 20 -12.08 23.37 -10.09
C GLY D 20 -10.58 23.51 -9.93
N ARG D 21 -9.85 22.39 -9.89
CA ARG D 21 -8.40 22.43 -9.63
C ARG D 21 -7.66 22.17 -10.95
N GLU D 22 -6.73 23.07 -11.28
CA GLU D 22 -5.90 22.97 -12.48
C GLU D 22 -6.70 22.62 -13.72
N THR D 23 -7.77 23.37 -13.98
CA THR D 23 -8.73 22.93 -14.98
C THR D 23 -8.19 22.95 -16.42
N LYS D 24 -7.29 23.86 -16.78
CA LYS D 24 -6.80 23.85 -18.15
C LYS D 24 -5.96 22.57 -18.42
N THR D 25 -5.09 22.24 -17.48
CA THR D 25 -4.32 21.01 -17.56
C THR D 25 -5.22 19.78 -17.63
N ALA D 27 -8.23 19.55 -18.56
CA ALA D 27 -8.99 19.55 -19.83
C ALA D 27 -8.19 19.03 -20.98
N LYS D 28 -6.91 19.40 -21.02
CA LYS D 28 -6.01 18.83 -22.03
C LYS D 28 -5.90 17.34 -21.86
N VAL D 29 -5.69 16.90 -20.62
CA VAL D 29 -5.57 15.45 -20.35
C VAL D 29 -6.85 14.69 -20.76
N ILE D 30 -8.01 15.22 -20.39
CA ILE D 30 -9.29 14.55 -20.66
C ILE D 30 -9.51 14.42 -22.14
N THR D 31 -9.27 15.50 -22.86
CA THR D 31 -9.49 15.49 -24.30
C THR D 31 -8.53 14.56 -25.05
N THR D 32 -7.33 14.40 -24.49
CA THR D 32 -6.34 13.48 -25.00
C THR D 32 -6.65 12.04 -24.64
N VAL D 33 -6.91 11.75 -23.36
CA VAL D 33 -7.15 10.39 -22.93
C VAL D 33 -8.35 9.82 -23.67
N LEU D 34 -9.41 10.64 -23.82
CA LEU D 34 -10.67 10.17 -24.42
C LEU D 34 -10.71 10.29 -25.95
N LYS D 35 -9.63 10.78 -26.57
CA LYS D 35 -9.51 10.77 -28.04
C LYS D 35 -10.67 11.51 -28.69
N PHE D 36 -10.95 12.72 -28.22
CA PHE D 36 -11.99 13.54 -28.82
C PHE D 36 -11.56 13.95 -30.23
N PRO D 37 -12.49 14.04 -31.18
CA PRO D 37 -12.19 14.60 -32.50
C PRO D 37 -11.61 16.01 -32.35
N ASP D 38 -10.64 16.38 -33.20
CA ASP D 38 -9.90 17.64 -33.01
C ASP D 38 -10.79 18.87 -32.96
N ASP D 39 -11.89 18.84 -33.69
CA ASP D 39 -12.81 20.00 -33.68
C ASP D 39 -13.55 20.17 -32.32
N GLN D 40 -13.94 19.06 -31.70
CA GLN D 40 -14.54 19.13 -30.37
C GLN D 40 -13.52 19.58 -29.34
N THR D 41 -12.30 19.08 -29.44
CA THR D 41 -11.22 19.45 -28.55
C THR D 41 -10.98 20.96 -28.60
N GLN D 42 -10.97 21.50 -29.82
CA GLN D 42 -10.73 22.92 -30.01
C GLN D 42 -11.82 23.73 -29.31
N LYS D 43 -13.05 23.29 -29.45
CA LYS D 43 -14.20 23.94 -28.83
C LYS D 43 -14.12 23.89 -27.31
N ILE D 44 -13.75 22.71 -26.79
CA ILE D 44 -13.66 22.53 -25.35
C ILE D 44 -12.55 23.40 -24.77
N LEU D 45 -11.38 23.40 -25.40
CA LEU D 45 -10.23 24.16 -24.88
C LEU D 45 -10.37 25.67 -25.07
N GLU D 46 -11.05 26.09 -26.12
CA GLU D 46 -11.40 27.52 -26.25
C GLU D 46 -12.32 27.98 -25.10
N ARG D 47 -13.33 27.16 -24.75
CA ARG D 47 -14.24 27.53 -23.65
C ARG D 47 -13.54 27.51 -22.28
N GLU D 48 -12.61 26.58 -22.10
CA GLU D 48 -11.80 26.49 -20.89
C GLU D 48 -10.97 27.77 -20.71
N ASP D 49 -10.34 28.22 -21.80
CA ASP D 49 -9.59 29.48 -21.79
C ASP D 49 -10.43 30.72 -21.48
N ALA D 50 -11.72 30.68 -21.81
CA ALA D 50 -12.62 31.81 -21.60
C ALA D 50 -13.22 31.87 -20.20
N ARG D 51 -12.92 30.88 -19.35
CA ARG D 51 -13.30 30.91 -17.93
C ARG D 51 -12.61 32.09 -17.24
N LEU D 52 -13.39 33.06 -16.76
CA LEU D 52 -12.82 34.27 -16.17
C LEU D 52 -12.44 34.03 -14.72
N HIS E 3 -3.45 -30.28 -6.47
CA HIS E 3 -4.53 -31.22 -6.08
C HIS E 3 -5.22 -30.74 -4.79
N THR E 5 -6.10 -32.87 -2.52
CA THR E 5 -5.62 -33.76 -1.46
C THR E 5 -4.52 -33.07 -0.63
N ARG E 6 -3.98 -31.97 -1.15
CA ARG E 6 -2.94 -31.23 -0.46
C ARG E 6 -3.59 -30.21 0.48
N GLU E 7 -2.94 -29.96 1.60
CA GLU E 7 -3.34 -28.90 2.50
C GLU E 7 -3.01 -27.57 1.81
N ARG E 9 -2.97 -23.17 1.85
CA ARG E 9 -2.54 -22.12 2.75
C ARG E 9 -3.31 -20.86 2.40
N ILE E 10 -3.91 -20.26 3.42
CA ILE E 10 -4.83 -19.14 3.29
C ILE E 10 -4.33 -18.08 4.24
N LEU E 11 -4.30 -16.84 3.79
CA LEU E 11 -3.99 -15.71 4.69
C LEU E 11 -5.25 -14.90 4.85
N ILE E 12 -5.50 -14.47 6.06
CA ILE E 12 -6.58 -13.54 6.33
C ILE E 12 -5.91 -12.20 6.65
N LEU E 13 -6.19 -11.23 5.80
CA LEU E 13 -5.63 -9.90 5.84
C LEU E 13 -6.71 -8.81 5.87
N GLY E 14 -6.29 -7.59 6.16
CA GLY E 14 -7.19 -6.46 6.33
C GLY E 14 -6.77 -5.56 7.48
N LEU E 15 -7.36 -4.38 7.55
CA LEU E 15 -7.01 -3.42 8.60
C LEU E 15 -7.45 -3.91 9.96
N ASP E 16 -6.81 -3.34 10.98
CA ASP E 16 -7.16 -3.60 12.36
C ASP E 16 -8.67 -3.35 12.57
N GLY E 17 -9.30 -4.15 13.43
CA GLY E 17 -10.69 -4.06 13.69
C GLY E 17 -11.66 -4.64 12.66
N ALA E 18 -11.17 -5.14 11.53
CA ALA E 18 -12.07 -5.59 10.47
C ALA E 18 -12.89 -6.84 10.86
N GLY E 19 -12.34 -7.70 11.76
CA GLY E 19 -12.92 -8.95 12.21
C GLY E 19 -12.17 -10.23 11.81
N LYS E 20 -10.90 -10.10 11.44
CA LYS E 20 -10.10 -11.22 10.93
C LYS E 20 -10.00 -12.39 11.89
N THR E 21 -9.67 -12.08 13.14
CA THR E 21 -9.53 -13.08 14.17
C THR E 21 -10.88 -13.74 14.50
N THR E 22 -11.95 -12.95 14.57
CA THR E 22 -13.30 -13.45 14.79
C THR E 22 -13.66 -14.45 13.67
N ILE E 23 -13.30 -14.09 12.44
CA ILE E 23 -13.57 -14.94 11.29
C ILE E 23 -12.76 -16.23 11.40
N LEU E 24 -11.46 -16.11 11.73
CA LEU E 24 -10.61 -17.28 11.85
C LEU E 24 -11.24 -18.30 12.81
N TYR E 25 -11.62 -17.87 14.01
CA TYR E 25 -12.16 -18.81 14.98
C TYR E 25 -13.59 -19.26 14.69
N ARG E 26 -14.40 -18.45 13.99
CA ARG E 26 -15.67 -18.92 13.49
C ARG E 26 -15.43 -20.09 12.52
N LEU E 27 -14.44 -19.95 11.66
CA LEU E 27 -14.11 -21.03 10.72
C LEU E 27 -13.61 -22.29 11.44
N GLN E 28 -12.83 -22.13 12.50
CA GLN E 28 -12.19 -23.26 13.12
C GLN E 28 -13.12 -24.05 14.03
N VAL E 29 -13.85 -23.34 14.89
CA VAL E 29 -14.66 -23.98 15.93
C VAL E 29 -16.13 -23.60 15.93
N GLY E 30 -16.54 -22.68 15.05
CA GLY E 30 -17.94 -22.34 14.90
C GLY E 30 -18.52 -21.46 16.01
N GLU E 31 -17.66 -20.82 16.78
CA GLU E 31 -18.07 -19.93 17.87
C GLU E 31 -17.57 -18.53 17.58
N VAL E 32 -18.25 -17.55 18.18
CA VAL E 32 -17.72 -16.18 18.28
C VAL E 32 -16.82 -16.11 19.50
N VAL E 33 -15.55 -15.82 19.28
CA VAL E 33 -14.59 -15.74 20.40
C VAL E 33 -14.35 -14.28 20.80
N THR E 34 -13.83 -14.13 22.00
CA THR E 34 -13.42 -12.86 22.52
C THR E 34 -11.97 -12.63 22.19
N THR E 35 -11.71 -11.56 21.43
CA THR E 35 -10.38 -11.29 20.89
C THR E 35 -9.69 -10.13 21.56
N ILE E 36 -8.38 -10.04 21.33
CA ILE E 36 -7.60 -8.84 21.55
C ILE E 36 -7.00 -8.48 20.21
N PRO E 37 -6.60 -7.23 20.02
CA PRO E 37 -5.87 -6.85 18.80
C PRO E 37 -4.63 -7.71 18.68
N THR E 38 -4.45 -8.23 17.48
CA THR E 38 -3.40 -9.19 17.18
C THR E 38 -2.12 -8.50 16.84
N ILE E 39 -1.15 -8.58 17.75
CA ILE E 39 0.17 -8.00 17.53
C ILE E 39 1.06 -9.17 17.23
N GLY E 40 1.02 -9.61 15.99
CA GLY E 40 1.60 -10.88 15.63
C GLY E 40 0.71 -11.56 14.63
N PHE E 41 0.33 -12.79 14.94
CA PHE E 41 -0.51 -13.59 14.08
C PHE E 41 -1.14 -14.71 14.88
N ASN E 42 -2.22 -15.26 14.35
CA ASN E 42 -2.79 -16.52 14.78
C ASN E 42 -2.81 -17.45 13.58
N VAL E 43 -2.51 -18.70 13.82
CA VAL E 43 -2.54 -19.68 12.73
C VAL E 43 -3.24 -20.91 13.26
N GLU E 44 -4.21 -21.41 12.51
CA GLU E 44 -4.98 -22.58 12.85
C GLU E 44 -5.29 -23.38 11.60
N THR E 45 -5.51 -24.68 11.82
CA THR E 45 -5.97 -25.59 10.81
C THR E 45 -7.47 -25.47 10.80
N VAL E 46 -8.03 -25.20 9.63
CA VAL E 46 -9.44 -25.10 9.43
C VAL E 46 -9.88 -26.25 8.51
N THR E 47 -10.99 -26.88 8.86
CA THR E 47 -11.59 -27.94 8.07
C THR E 47 -12.88 -27.40 7.48
N TYR E 48 -13.00 -27.43 6.16
CA TYR E 48 -14.22 -27.06 5.49
C TYR E 48 -14.53 -28.11 4.40
N LYS E 49 -15.75 -28.64 4.43
CA LYS E 49 -16.14 -29.79 3.60
C LYS E 49 -15.04 -30.85 3.55
N ASN E 50 -14.50 -31.18 4.72
CA ASN E 50 -13.42 -32.16 4.90
C ASN E 50 -12.09 -31.86 4.17
N LEU E 51 -11.94 -30.64 3.65
CA LEU E 51 -10.69 -30.15 3.13
C LEU E 51 -9.97 -29.40 4.24
N LYS E 52 -8.64 -29.50 4.25
CA LYS E 52 -7.82 -28.92 5.30
C LYS E 52 -7.11 -27.68 4.76
N PHE E 53 -7.17 -26.62 5.57
CA PHE E 53 -6.50 -25.38 5.25
C PHE E 53 -5.70 -24.94 6.45
N GLN E 54 -4.47 -24.53 6.25
CA GLN E 54 -3.71 -23.86 7.29
C GLN E 54 -3.96 -22.36 7.06
N VAL E 55 -4.51 -21.68 8.06
CA VAL E 55 -5.03 -20.32 7.88
C VAL E 55 -4.26 -19.40 8.81
N TRP E 56 -3.63 -18.38 8.22
CA TRP E 56 -2.83 -17.41 8.95
C TRP E 56 -3.59 -16.08 9.01
N ASP E 57 -3.86 -15.62 10.22
CA ASP E 57 -4.57 -14.38 10.47
C ASP E 57 -3.51 -13.37 10.93
N LEU E 58 -3.20 -12.37 10.10
CA LEU E 58 -2.13 -11.42 10.43
C LEU E 58 -2.69 -10.11 10.99
N GLY E 59 -2.06 -9.59 12.01
CA GLY E 59 -2.54 -8.34 12.59
C GLY E 59 -2.51 -7.19 11.62
N GLY E 60 -3.48 -6.28 11.76
CA GLY E 60 -3.69 -5.20 10.81
C GLY E 60 -3.37 -3.80 11.27
N LEU E 61 -2.82 -3.69 12.48
CA LEU E 61 -2.35 -2.40 13.01
C LEU E 61 -1.42 -1.73 12.03
N THR E 62 -1.52 -0.41 11.88
CA THR E 62 -0.74 0.31 10.88
C THR E 62 0.75 -0.10 10.85
N SER E 63 1.38 -0.13 12.03
CA SER E 63 2.83 -0.33 12.10
C SER E 63 3.30 -1.75 11.76
N ILE E 64 2.38 -2.70 11.76
CA ILE E 64 2.74 -4.08 11.42
C ILE E 64 2.26 -4.57 10.06
N ARG E 65 1.54 -3.74 9.31
CA ARG E 65 1.17 -4.08 7.92
C ARG E 65 2.35 -4.25 6.99
N PRO E 66 3.44 -3.50 7.16
CA PRO E 66 4.62 -3.77 6.34
C PRO E 66 5.16 -5.21 6.47
N TYR E 67 4.80 -5.96 7.50
CA TYR E 67 5.32 -7.30 7.68
C TYR E 67 4.46 -8.38 6.99
N TRP E 68 3.27 -8.01 6.52
CA TRP E 68 2.39 -8.96 5.84
C TRP E 68 3.15 -9.72 4.73
N ARG E 69 3.89 -8.95 3.93
CA ARG E 69 4.52 -9.51 2.72
C ARG E 69 5.54 -10.62 3.06
N CYS E 70 6.05 -10.66 4.29
CA CYS E 70 6.94 -11.74 4.72
C CYS E 70 6.28 -13.13 4.68
N TYR E 71 4.95 -13.14 4.71
CA TYR E 71 4.17 -14.33 4.77
C TYR E 71 3.59 -14.81 3.44
N TYR E 72 3.86 -14.13 2.33
CA TYR E 72 3.12 -14.35 1.08
C TYR E 72 3.54 -15.63 0.34
N SER E 73 4.72 -16.16 0.62
CA SER E 73 5.17 -17.39 -0.08
C SER E 73 4.19 -18.53 0.06
N ASN E 74 3.88 -19.18 -1.07
CA ASN E 74 3.00 -20.36 -1.12
C ASN E 74 1.59 -20.12 -0.63
N THR E 75 0.97 -19.06 -1.09
CA THR E 75 -0.34 -18.72 -0.62
C THR E 75 -1.34 -19.13 -1.68
N ASP E 76 -2.29 -19.98 -1.32
CA ASP E 76 -3.36 -20.37 -2.26
C ASP E 76 -4.52 -19.39 -2.36
N ALA E 77 -4.85 -18.72 -1.24
CA ALA E 77 -5.93 -17.73 -1.22
C ALA E 77 -5.69 -16.68 -0.15
N VAL E 78 -6.21 -15.50 -0.42
CA VAL E 78 -6.27 -14.40 0.53
C VAL E 78 -7.74 -14.13 0.85
N ILE E 79 -8.09 -14.17 2.13
CA ILE E 79 -9.38 -13.67 2.59
C ILE E 79 -9.11 -12.24 3.09
N TYR E 80 -9.64 -11.26 2.36
CA TYR E 80 -9.38 -9.86 2.65
C TYR E 80 -10.63 -9.30 3.31
N VAL E 81 -10.50 -9.01 4.60
CA VAL E 81 -11.62 -8.60 5.41
C VAL E 81 -11.67 -7.07 5.50
N VAL E 82 -12.84 -6.51 5.20
CA VAL E 82 -13.05 -5.09 5.17
C VAL E 82 -14.25 -4.76 6.12
N ASP E 83 -14.06 -3.83 7.03
CA ASP E 83 -15.18 -3.33 7.84
C ASP E 83 -16.12 -2.49 6.95
N SER E 84 -17.32 -3.00 6.73
CA SER E 84 -18.35 -2.33 5.93
C SER E 84 -18.87 -1.00 6.45
N CYS E 85 -18.57 -0.69 7.69
CA CYS E 85 -18.94 0.60 8.28
C CYS E 85 -17.84 1.64 8.21
N ASP E 86 -16.61 1.23 7.87
CA ASP E 86 -15.46 2.14 7.94
C ASP E 86 -15.26 2.89 6.62
N ARG E 87 -16.07 3.92 6.42
CA ARG E 87 -15.96 4.71 5.22
C ARG E 87 -14.64 5.46 5.13
N ASP E 88 -14.13 5.95 6.24
CA ASP E 88 -12.93 6.79 6.20
C ASP E 88 -11.67 6.02 5.78
N ARG E 89 -11.64 4.71 6.03
CA ARG E 89 -10.44 3.92 5.78
C ARG E 89 -10.57 2.91 4.65
N ILE E 90 -11.66 2.91 3.87
CA ILE E 90 -11.75 1.97 2.75
C ILE E 90 -10.67 2.29 1.72
N GLY E 91 -10.29 3.57 1.62
CA GLY E 91 -9.21 3.97 0.73
C GLY E 91 -7.86 3.36 1.09
N ILE E 92 -7.61 3.22 2.40
CA ILE E 92 -6.42 2.48 2.90
C ILE E 92 -6.52 1.01 2.53
N SER E 93 -7.71 0.42 2.71
CA SER E 93 -7.87 -1.01 2.38
C SER E 93 -7.59 -1.17 0.88
N LYS E 94 -8.04 -0.20 0.07
CA LYS E 94 -7.81 -0.22 -1.37
C LYS E 94 -6.31 -0.19 -1.73
N SER E 95 -5.57 0.72 -1.13
CA SER E 95 -4.15 0.87 -1.44
C SER E 95 -3.33 -0.30 -0.88
N GLU E 96 -3.71 -0.88 0.25
CA GLU E 96 -2.99 -2.03 0.75
C GLU E 96 -3.22 -3.24 -0.16
N LEU E 97 -4.42 -3.33 -0.75
CA LEU E 97 -4.78 -4.44 -1.61
C LEU E 97 -4.04 -4.31 -2.93
N VAL E 98 -3.93 -3.11 -3.48
CA VAL E 98 -3.13 -2.89 -4.70
C VAL E 98 -1.69 -3.32 -4.47
N ALA E 99 -1.11 -2.87 -3.37
CA ALA E 99 0.29 -3.19 -3.07
C ALA E 99 0.52 -4.68 -2.92
N LEU E 101 -1.18 -7.19 -4.18
CA LEU E 101 -1.40 -7.93 -5.42
C LEU E 101 -0.40 -7.58 -6.53
N GLU E 102 0.49 -6.62 -6.29
CA GLU E 102 1.63 -6.42 -7.20
C GLU E 102 2.74 -7.43 -6.89
N GLU E 103 2.64 -8.14 -5.77
CA GLU E 103 3.72 -9.04 -5.34
C GLU E 103 3.71 -10.33 -6.17
N GLU E 104 4.87 -10.72 -6.72
CA GLU E 104 5.01 -11.95 -7.48
C GLU E 104 4.57 -13.19 -6.69
N GLU E 105 4.83 -13.20 -5.39
CA GLU E 105 4.49 -14.36 -4.58
C GLU E 105 3.00 -14.62 -4.47
N LEU E 106 2.18 -13.59 -4.69
CA LEU E 106 0.73 -13.74 -4.64
C LEU E 106 0.09 -13.96 -6.01
N ARG E 107 0.90 -14.27 -7.05
CA ARG E 107 0.41 -14.35 -8.44
C ARG E 107 -0.81 -15.26 -8.60
N LYS E 108 -0.76 -16.45 -8.02
CA LYS E 108 -1.80 -17.45 -8.22
C LYS E 108 -2.94 -17.39 -7.20
N ALA E 109 -2.80 -16.54 -6.18
CA ALA E 109 -3.74 -16.57 -5.08
C ALA E 109 -5.10 -16.16 -5.55
N ILE E 110 -6.09 -16.88 -5.08
CA ILE E 110 -7.47 -16.48 -5.22
C ILE E 110 -7.76 -15.38 -4.18
N LEU E 111 -8.55 -14.39 -4.56
CA LEU E 111 -8.95 -13.33 -3.62
C LEU E 111 -10.41 -13.44 -3.24
N VAL E 112 -10.71 -13.64 -1.95
CA VAL E 112 -12.09 -13.58 -1.50
C VAL E 112 -12.21 -12.37 -0.61
N VAL E 113 -13.13 -11.45 -0.91
CA VAL E 113 -13.27 -10.25 -0.08
C VAL E 113 -14.48 -10.45 0.82
N PHE E 114 -14.27 -10.42 2.14
CA PHE E 114 -15.34 -10.48 3.14
C PHE E 114 -15.66 -9.04 3.53
N ALA E 115 -16.77 -8.54 3.02
CA ALA E 115 -17.34 -7.25 3.38
C ALA E 115 -18.10 -7.47 4.68
N ASN E 116 -17.41 -7.23 5.78
CA ASN E 116 -17.78 -7.77 7.08
C ASN E 116 -18.56 -6.72 7.90
N LYS E 117 -19.17 -7.16 9.00
CA LYS E 117 -20.03 -6.34 9.83
C LYS E 117 -21.27 -5.84 9.06
N GLN E 118 -21.77 -6.68 8.16
CA GLN E 118 -23.00 -6.36 7.43
C GLN E 118 -24.28 -6.48 8.31
N ASP E 119 -24.16 -6.96 9.54
CA ASP E 119 -25.23 -6.88 10.51
C ASP E 119 -25.50 -5.45 11.00
N GLU E 121 -26.40 -1.47 10.68
CA GLU E 121 -27.42 -0.80 9.86
C GLU E 121 -26.82 0.10 8.79
N GLN E 122 -25.76 0.80 9.13
CA GLN E 122 -25.20 1.75 8.18
C GLN E 122 -24.02 1.14 7.41
N ALA E 123 -24.01 -0.18 7.24
CA ALA E 123 -23.00 -0.84 6.40
C ALA E 123 -23.13 -0.35 4.97
N THR E 125 -22.95 -0.92 0.94
CA THR E 125 -23.42 -2.03 0.14
C THR E 125 -22.21 -2.69 -0.50
N SER E 126 -22.41 -3.93 -0.92
CA SER E 126 -21.39 -4.70 -1.57
C SER E 126 -20.89 -3.96 -2.81
N SER E 127 -21.83 -3.39 -3.54
CA SER E 127 -21.50 -2.82 -4.84
C SER E 127 -20.61 -1.58 -4.67
N GLU E 128 -20.91 -0.72 -3.71
CA GLU E 128 -20.04 0.43 -3.50
C GLU E 128 -18.68 0.05 -2.89
N ALA E 130 -16.99 -2.78 -3.59
CA ALA E 130 -16.20 -3.33 -4.69
C ALA E 130 -15.53 -2.21 -5.48
N ASN E 131 -16.26 -1.12 -5.70
CA ASN E 131 -15.68 0.04 -6.39
C ASN E 131 -14.67 0.80 -5.53
N SER E 132 -15.01 1.00 -4.27
CA SER E 132 -14.12 1.67 -3.33
C SER E 132 -12.85 0.89 -3.04
N LEU E 133 -12.84 -0.42 -3.29
CA LEU E 133 -11.67 -1.27 -3.05
C LEU E 133 -10.86 -1.48 -4.33
N GLY E 134 -11.36 -0.93 -5.44
CA GLY E 134 -10.74 -1.06 -6.75
C GLY E 134 -10.76 -2.46 -7.30
N LEU E 135 -11.78 -3.24 -6.93
CA LEU E 135 -11.83 -4.61 -7.39
C LEU E 135 -11.95 -4.72 -8.94
N PRO E 136 -12.76 -3.89 -9.60
CA PRO E 136 -12.82 -3.96 -11.08
C PRO E 136 -11.51 -3.69 -11.81
N ALA E 137 -10.58 -2.96 -11.21
CA ALA E 137 -9.25 -2.72 -11.77
C ALA E 137 -8.28 -3.92 -11.69
N LEU E 138 -8.57 -4.90 -10.83
CA LEU E 138 -7.65 -6.01 -10.60
C LEU E 138 -7.45 -6.87 -11.86
N LYS E 139 -6.21 -7.02 -12.28
CA LYS E 139 -5.89 -7.85 -13.46
C LYS E 139 -5.45 -9.28 -13.10
N ASP E 140 -5.85 -10.24 -13.93
CA ASP E 140 -5.41 -11.63 -13.83
C ASP E 140 -5.67 -12.18 -12.46
N ARG E 141 -6.88 -11.97 -12.00
CA ARG E 141 -7.22 -12.31 -10.62
C ARG E 141 -8.60 -12.92 -10.59
N LYS E 142 -8.73 -14.07 -9.95
CA LYS E 142 -10.04 -14.62 -9.59
C LYS E 142 -10.44 -14.02 -8.25
N TRP E 143 -11.56 -13.31 -8.21
CA TRP E 143 -12.00 -12.65 -6.99
C TRP E 143 -13.49 -12.63 -6.93
N GLN E 144 -14.02 -12.58 -5.71
CA GLN E 144 -15.41 -12.30 -5.48
C GLN E 144 -15.58 -11.63 -4.10
N ILE E 145 -16.61 -10.81 -3.96
CA ILE E 145 -16.92 -10.14 -2.72
C ILE E 145 -18.20 -10.73 -2.13
N PHE E 146 -18.20 -10.94 -0.81
CA PHE E 146 -19.32 -11.48 -0.08
C PHE E 146 -19.64 -10.65 1.17
N LYS E 147 -20.93 -10.43 1.39
CA LYS E 147 -21.44 -9.83 2.62
C LYS E 147 -21.38 -10.82 3.79
N THR E 148 -20.69 -10.46 4.85
CA THR E 148 -20.56 -11.32 6.02
C THR E 148 -20.86 -10.61 7.34
N SER E 149 -21.24 -11.41 8.32
CA SER E 149 -21.16 -11.01 9.73
C SER E 149 -20.48 -12.14 10.46
N ALA E 150 -19.29 -11.89 10.97
CA ALA E 150 -18.56 -12.89 11.72
C ALA E 150 -19.24 -13.13 13.06
N THR E 151 -19.89 -12.09 13.59
CA THR E 151 -20.63 -12.23 14.84
C THR E 151 -21.94 -12.96 14.68
N LYS E 152 -22.69 -12.71 13.62
CA LYS E 152 -23.97 -13.43 13.40
C LYS E 152 -23.81 -14.77 12.66
N GLY E 153 -22.68 -14.99 12.00
CA GLY E 153 -22.47 -16.20 11.23
C GLY E 153 -22.92 -16.12 9.78
N THR E 154 -23.51 -15.00 9.42
CA THR E 154 -24.14 -14.87 8.12
C THR E 154 -23.11 -14.65 7.01
N GLY E 155 -23.32 -15.31 5.87
CA GLY E 155 -22.51 -15.12 4.67
C GLY E 155 -21.22 -15.91 4.54
N LEU E 156 -20.75 -16.54 5.61
CA LEU E 156 -19.45 -17.20 5.61
C LEU E 156 -19.40 -18.49 4.83
N ASP E 157 -20.44 -19.29 4.99
CA ASP E 157 -20.58 -20.53 4.22
C ASP E 157 -20.59 -20.25 2.72
N GLU E 158 -21.32 -19.25 2.25
CA GLU E 158 -21.36 -18.98 0.81
C GLU E 158 -19.98 -18.56 0.29
N ALA E 159 -19.25 -17.79 1.09
CA ALA E 159 -17.92 -17.34 0.71
C ALA E 159 -16.94 -18.52 0.67
N GLU E 161 -17.73 -21.75 0.26
CA GLU E 161 -18.16 -22.60 -0.84
C GLU E 161 -17.58 -22.08 -2.15
N TRP E 162 -17.63 -20.77 -2.36
CA TRP E 162 -17.05 -20.16 -3.54
C TRP E 162 -15.53 -20.37 -3.58
N LEU E 163 -14.86 -20.16 -2.45
CA LEU E 163 -13.41 -20.35 -2.34
C LEU E 163 -13.00 -21.77 -2.73
N VAL E 164 -13.70 -22.74 -2.17
CA VAL E 164 -13.41 -24.15 -2.39
C VAL E 164 -13.63 -24.54 -3.84
N GLU E 165 -14.75 -24.11 -4.41
CA GLU E 165 -15.08 -24.43 -5.79
C GLU E 165 -14.04 -23.81 -6.73
N THR E 166 -13.58 -22.59 -6.43
CA THR E 166 -12.60 -21.90 -7.27
C THR E 166 -11.21 -22.57 -7.18
N LEU E 167 -10.81 -22.94 -5.97
CA LEU E 167 -9.58 -23.68 -5.82
C LEU E 167 -9.65 -24.99 -6.60
N LYS E 168 -10.83 -25.60 -6.65
CA LYS E 168 -11.02 -26.90 -7.33
C LYS E 168 -10.73 -26.82 -8.83
N SER E 169 -11.21 -25.78 -9.47
CA SER E 169 -11.12 -25.65 -10.92
C SER E 169 -9.84 -24.97 -11.38
N ARG E 170 -8.94 -24.59 -10.47
CA ARG E 170 -7.71 -23.87 -10.83
C ARG E 170 -7.07 -24.35 -12.14
N GLU F 3 6.76 0.10 26.00
CA GLU F 3 7.49 -0.94 25.21
C GLU F 3 7.12 -0.86 23.72
N PRO F 4 8.10 -0.93 22.82
CA PRO F 4 7.81 -0.97 21.38
C PRO F 4 6.83 -2.09 21.05
N THR F 5 5.97 -1.87 20.07
CA THR F 5 5.02 -2.94 19.67
C THR F 5 5.75 -3.97 18.85
N GLU F 6 6.93 -3.62 18.33
CA GLU F 6 7.82 -4.58 17.68
C GLU F 6 8.28 -5.66 18.65
N PHE F 7 8.44 -5.32 19.93
CA PHE F 7 8.82 -6.30 20.95
C PHE F 7 7.77 -7.37 21.11
N GLU F 8 6.51 -6.98 21.29
CA GLU F 8 5.43 -7.96 21.38
C GLU F 8 5.38 -8.77 20.09
N TYR F 9 5.53 -8.12 18.95
CA TYR F 9 5.49 -8.83 17.67
C TYR F 9 6.64 -9.86 17.59
N LEU F 10 7.83 -9.40 17.94
CA LEU F 10 9.02 -10.26 17.95
C LEU F 10 8.90 -11.45 18.88
N ARG F 11 8.32 -11.29 20.07
CA ARG F 11 8.12 -12.41 20.99
C ARG F 11 7.31 -13.56 20.39
N LYS F 12 6.22 -13.23 19.69
CA LYS F 12 5.45 -14.23 18.98
C LYS F 12 6.28 -14.90 17.90
N VAL F 13 6.95 -14.11 17.09
CA VAL F 13 7.70 -14.63 15.92
C VAL F 13 8.91 -15.48 16.38
N LEU F 14 9.61 -14.99 17.39
CA LEU F 14 10.80 -15.66 17.88
C LEU F 14 10.46 -16.89 18.68
N PHE F 15 9.34 -16.92 19.40
CA PHE F 15 8.93 -18.18 20.02
C PHE F 15 8.78 -19.30 18.98
N GLU F 16 8.05 -19.03 17.90
CA GLU F 16 7.92 -20.01 16.83
C GLU F 16 9.28 -20.46 16.27
N TYR F 17 10.07 -19.49 15.82
CA TYR F 17 11.37 -19.75 15.25
C TYR F 17 12.27 -20.57 16.16
N GLY F 20 11.49 -24.18 16.43
CA GLY F 20 11.71 -24.90 15.19
C GLY F 20 10.51 -24.96 14.26
N ARG F 21 9.53 -24.07 14.45
CA ARG F 21 8.30 -24.04 13.64
C ARG F 21 8.37 -22.93 12.62
N GLU F 22 8.01 -23.27 11.37
CA GLU F 22 7.96 -22.32 10.26
C GLU F 22 9.20 -21.46 10.12
N THR F 23 10.39 -22.05 10.14
CA THR F 23 11.59 -21.25 10.37
C THR F 23 11.91 -20.31 9.25
N LYS F 24 11.73 -20.77 8.02
CA LYS F 24 11.96 -19.95 6.84
C LYS F 24 11.10 -18.69 6.83
N THR F 25 9.80 -18.82 7.04
CA THR F 25 8.93 -17.67 7.10
C THR F 25 9.33 -16.76 8.27
N ALA F 27 12.24 -16.48 9.77
CA ALA F 27 13.47 -15.80 9.43
C ALA F 27 13.22 -14.58 8.53
N LYS F 28 12.35 -14.69 7.51
CA LYS F 28 11.97 -13.53 6.71
C LYS F 28 11.38 -12.41 7.57
N VAL F 29 10.44 -12.75 8.44
CA VAL F 29 9.83 -11.75 9.33
C VAL F 29 10.86 -11.10 10.23
N ILE F 30 11.70 -11.92 10.88
CA ILE F 30 12.69 -11.37 11.84
C ILE F 30 13.64 -10.39 11.16
N THR F 31 14.12 -10.76 9.96
CA THR F 31 15.09 -9.95 9.27
C THR F 31 14.44 -8.67 8.73
N THR F 32 13.13 -8.68 8.52
CA THR F 32 12.42 -7.52 8.05
C THR F 32 12.14 -6.60 9.21
N VAL F 33 11.61 -7.15 10.30
CA VAL F 33 11.21 -6.33 11.43
C VAL F 33 12.43 -5.57 12.00
N LEU F 34 13.54 -6.27 12.16
CA LEU F 34 14.72 -5.71 12.77
C LEU F 34 15.58 -4.94 11.78
N LYS F 35 15.15 -4.86 10.50
CA LYS F 35 15.84 -4.12 9.45
C LYS F 35 17.31 -4.52 9.35
N PHE F 36 17.54 -5.80 9.18
CA PHE F 36 18.88 -6.31 8.99
C PHE F 36 19.41 -5.71 7.67
N PRO F 37 20.69 -5.35 7.62
CA PRO F 37 21.29 -4.98 6.32
C PRO F 37 21.15 -6.10 5.31
N ASP F 38 20.91 -5.74 4.05
CA ASP F 38 20.67 -6.72 2.98
C ASP F 38 21.66 -7.90 2.97
N ASP F 39 22.94 -7.65 3.24
CA ASP F 39 23.95 -8.73 3.20
C ASP F 39 23.85 -9.78 4.32
N GLN F 40 23.53 -9.34 5.54
CA GLN F 40 23.28 -10.26 6.64
C GLN F 40 21.97 -11.02 6.43
N THR F 41 20.95 -10.35 5.93
CA THR F 41 19.71 -11.02 5.58
C THR F 41 19.98 -12.16 4.60
N GLN F 42 20.84 -11.90 3.61
CA GLN F 42 21.15 -12.89 2.58
C GLN F 42 21.88 -14.09 3.15
N LYS F 43 22.81 -13.85 4.09
CA LYS F 43 23.54 -14.94 4.69
C LYS F 43 22.61 -15.78 5.57
N ILE F 44 21.66 -15.11 6.23
CA ILE F 44 20.73 -15.82 7.10
C ILE F 44 19.77 -16.64 6.24
N LEU F 45 19.24 -16.05 5.17
CA LEU F 45 18.29 -16.77 4.33
C LEU F 45 18.98 -17.91 3.55
N GLU F 46 20.24 -17.69 3.16
CA GLU F 46 21.03 -18.73 2.46
C GLU F 46 21.20 -19.93 3.38
N ARG F 47 21.59 -19.69 4.63
CA ARG F 47 21.77 -20.77 5.59
C ARG F 47 20.48 -21.51 5.87
N GLU F 48 19.37 -20.78 5.88
CA GLU F 48 18.04 -21.36 6.10
C GLU F 48 17.63 -22.28 4.94
N ASP F 49 17.92 -21.84 3.70
CA ASP F 49 17.66 -22.63 2.49
C ASP F 49 18.62 -23.81 2.34
N ALA F 50 19.84 -23.69 2.83
CA ALA F 50 20.84 -24.75 2.71
C ALA F 50 20.56 -25.91 3.68
N ARG F 51 19.93 -25.60 4.81
CA ARG F 51 19.48 -26.63 5.76
C ARG F 51 18.32 -27.42 5.14
N LEU F 52 17.52 -26.75 4.32
CA LEU F 52 16.42 -27.37 3.55
C LEU F 52 16.91 -28.35 2.45
N SER F 54 19.82 -30.23 2.74
CA SER F 54 20.28 -31.39 3.52
C SER F 54 19.12 -32.24 4.04
N TRP F 55 17.95 -31.61 4.14
CA TRP F 55 16.72 -32.29 4.58
C TRP F 55 16.28 -33.41 3.62
N LEU F 56 16.31 -33.14 2.31
CA LEU F 56 15.82 -34.08 1.28
C LEU F 56 16.04 -35.59 1.60
N ARG F 57 17.29 -35.99 1.85
CA ARG F 57 17.66 -37.42 1.94
C ARG F 57 18.13 -37.84 3.34
N SER F 58 19.23 -37.23 3.80
CA SER F 58 19.85 -37.57 5.08
C SER F 58 20.32 -36.30 5.80
N GLY G 1 43.24 -32.20 23.11
CA GLY G 1 43.97 -33.18 22.24
C GLY G 1 44.25 -32.58 20.87
N SER G 2 44.40 -33.44 19.86
CA SER G 2 44.71 -33.03 18.49
C SER G 2 43.56 -32.29 17.84
N HIS G 3 42.33 -32.65 18.20
CA HIS G 3 41.12 -32.11 17.56
C HIS G 3 40.60 -30.85 18.21
N THR G 5 41.65 -28.20 21.78
CA THR G 5 42.43 -27.90 22.97
C THR G 5 41.53 -27.20 24.00
N ARG G 6 41.85 -27.37 25.28
CA ARG G 6 41.11 -26.73 26.34
C ARG G 6 41.21 -25.21 26.15
N GLU G 7 40.11 -24.51 26.42
CA GLU G 7 40.12 -23.05 26.48
C GLU G 7 39.37 -22.50 27.71
N ARG G 9 37.33 -19.29 29.59
CA ARG G 9 36.39 -18.29 29.17
C ARG G 9 36.56 -17.03 30.04
N ILE G 10 36.82 -15.89 29.42
CA ILE G 10 37.10 -14.66 30.16
C ILE G 10 36.12 -13.61 29.66
N LEU G 11 35.57 -12.83 30.59
CA LEU G 11 34.65 -11.75 30.23
C LEU G 11 35.36 -10.43 30.52
N ILE G 12 35.26 -9.48 29.59
CA ILE G 12 35.76 -8.14 29.80
C ILE G 12 34.53 -7.28 29.98
N LEU G 13 34.41 -6.70 31.17
CA LEU G 13 33.25 -5.96 31.55
C LEU G 13 33.69 -4.59 32.06
N GLY G 14 32.71 -3.73 32.28
CA GLY G 14 32.99 -2.34 32.65
C GLY G 14 32.08 -1.36 31.94
N LEU G 15 32.04 -0.13 32.45
CA LEU G 15 31.13 0.86 31.88
C LEU G 15 31.57 1.28 30.48
N ASP G 16 30.64 1.85 29.71
CA ASP G 16 31.00 2.34 28.37
C ASP G 16 32.13 3.35 28.43
N GLY G 17 33.01 3.33 27.43
CA GLY G 17 34.13 4.25 27.38
C GLY G 17 35.37 3.83 28.15
N ALA G 18 35.30 2.75 28.92
CA ALA G 18 36.41 2.37 29.80
C ALA G 18 37.66 1.90 29.06
N GLY G 19 37.50 1.33 27.86
CA GLY G 19 38.57 0.79 27.06
C GLY G 19 38.53 -0.72 26.81
N LYS G 20 37.39 -1.37 27.03
CA LYS G 20 37.22 -2.84 26.95
C LYS G 20 37.59 -3.40 25.60
N THR G 21 37.01 -2.84 24.55
CA THR G 21 37.20 -3.31 23.18
C THR G 21 38.66 -3.05 22.74
N THR G 22 39.22 -1.90 23.15
CA THR G 22 40.64 -1.61 22.95
C THR G 22 41.53 -2.63 23.64
N ILE G 23 41.13 -3.05 24.82
CA ILE G 23 41.92 -4.05 25.54
C ILE G 23 41.83 -5.41 24.85
N LEU G 24 40.65 -5.77 24.34
CA LEU G 24 40.43 -7.07 23.71
C LEU G 24 41.36 -7.17 22.50
N TYR G 25 41.38 -6.16 21.63
CA TYR G 25 42.20 -6.25 20.42
C TYR G 25 43.70 -6.03 20.66
N ARG G 26 44.06 -5.49 21.82
CA ARG G 26 45.46 -5.50 22.25
C ARG G 26 45.96 -6.90 22.66
N LEU G 27 45.09 -7.66 23.30
CA LEU G 27 45.45 -9.01 23.72
C LEU G 27 45.51 -9.92 22.51
N GLN G 28 44.70 -9.63 21.49
CA GLN G 28 44.55 -10.53 20.36
C GLN G 28 45.63 -10.27 19.32
N VAL G 29 45.66 -9.04 18.84
CA VAL G 29 46.37 -8.63 17.63
C VAL G 29 47.61 -7.75 17.95
N GLY G 30 47.80 -7.45 19.24
CA GLY G 30 48.96 -6.73 19.73
C GLY G 30 48.95 -5.20 19.70
N GLU G 31 47.90 -4.58 19.14
CA GLU G 31 47.89 -3.14 18.85
C GLU G 31 46.54 -2.43 18.97
N VAL G 32 46.60 -1.09 19.00
CA VAL G 32 45.39 -0.26 19.03
C VAL G 32 44.65 -0.38 17.72
N VAL G 33 43.34 -0.55 17.78
CA VAL G 33 42.49 -0.56 16.59
C VAL G 33 41.34 0.41 16.78
N THR G 34 40.73 0.82 15.68
CA THR G 34 39.63 1.76 15.76
C THR G 34 38.42 1.02 16.34
N THR G 35 37.58 1.73 17.10
CA THR G 35 36.41 1.12 17.71
C THR G 35 35.19 2.01 17.59
N ILE G 36 34.03 1.42 17.85
CA ILE G 36 32.79 2.15 17.99
C ILE G 36 32.12 1.65 19.29
N PRO G 37 31.26 2.46 19.90
CA PRO G 37 30.49 1.99 21.04
C PRO G 37 29.89 0.63 20.67
N THR G 38 30.16 -0.36 21.51
CA THR G 38 29.78 -1.76 21.27
C THR G 38 28.33 -1.96 21.70
N ILE G 39 27.40 -1.99 20.73
CA ILE G 39 25.98 -2.19 21.03
C ILE G 39 25.73 -3.66 20.79
N GLY G 40 26.23 -4.47 21.70
CA GLY G 40 26.34 -5.89 21.44
C GLY G 40 27.53 -6.43 22.17
N PHE G 41 28.37 -7.17 21.45
CA PHE G 41 29.57 -7.72 22.04
C PHE G 41 30.59 -8.06 20.96
N ASN G 42 31.84 -8.25 21.36
CA ASN G 42 32.86 -8.91 20.51
C ASN G 42 33.40 -10.15 21.24
N VAL G 43 33.70 -11.21 20.49
CA VAL G 43 34.29 -12.40 21.07
C VAL G 43 35.40 -12.86 20.15
N GLU G 44 36.56 -13.13 20.73
CA GLU G 44 37.73 -13.59 19.99
C GLU G 44 38.48 -14.66 20.75
N THR G 45 39.21 -15.47 20.02
CA THR G 45 40.14 -16.40 20.62
C THR G 45 41.49 -15.71 20.78
N VAL G 46 42.15 -16.00 21.88
CA VAL G 46 43.38 -15.33 22.28
C VAL G 46 44.27 -16.41 22.89
N THR G 47 45.53 -16.49 22.50
CA THR G 47 46.48 -17.37 23.18
C THR G 47 47.54 -16.53 23.89
N TYR G 48 47.77 -16.84 25.16
CA TYR G 48 48.77 -16.18 25.99
C TYR G 48 49.53 -17.25 26.78
N LYS G 49 50.82 -17.41 26.50
CA LYS G 49 51.64 -18.46 27.13
C LYS G 49 51.06 -19.87 26.87
N ASN G 50 50.63 -20.11 25.64
CA ASN G 50 50.04 -21.42 25.23
C ASN G 50 48.77 -21.86 26.00
N LEU G 51 48.19 -20.93 26.76
CA LEU G 51 46.87 -21.08 27.36
C LEU G 51 45.89 -20.37 26.42
N LYS G 52 44.89 -21.10 25.92
CA LYS G 52 43.94 -20.58 24.96
C LYS G 52 42.70 -20.01 25.67
N PHE G 53 42.21 -18.85 25.22
CA PHE G 53 41.07 -18.18 25.85
C PHE G 53 40.03 -17.77 24.83
N GLN G 54 38.77 -17.98 25.16
CA GLN G 54 37.66 -17.28 24.50
C GLN G 54 37.33 -16.04 25.35
N VAL G 55 37.48 -14.87 24.76
CA VAL G 55 37.35 -13.62 25.48
C VAL G 55 36.16 -12.88 24.91
N TRP G 56 35.21 -12.58 25.80
CA TRP G 56 34.00 -11.85 25.44
C TRP G 56 34.17 -10.41 25.94
N ASP G 57 33.82 -9.47 25.12
CA ASP G 57 33.90 -8.05 25.40
C ASP G 57 32.47 -7.58 25.28
N LEU G 58 31.83 -7.30 26.41
CA LEU G 58 30.42 -6.94 26.40
C LEU G 58 30.29 -5.42 26.48
N GLY G 59 29.38 -4.87 25.68
CA GLY G 59 29.15 -3.45 25.68
C GLY G 59 28.65 -2.91 26.99
N GLY G 60 29.12 -1.70 27.35
CA GLY G 60 28.89 -1.08 28.65
C GLY G 60 27.89 0.05 28.76
N LEU G 61 27.13 0.33 27.70
CA LEU G 61 26.10 1.38 27.76
C LEU G 61 25.06 1.02 28.79
N THR G 62 24.51 2.03 29.45
CA THR G 62 23.55 1.82 30.53
C THR G 62 22.49 0.80 30.21
N SER G 63 21.84 0.95 29.06
CA SER G 63 20.69 0.13 28.73
C SER G 63 20.99 -1.34 28.45
N ILE G 64 22.24 -1.69 28.17
CA ILE G 64 22.59 -3.06 27.86
C ILE G 64 23.44 -3.73 28.94
N ARG G 65 23.80 -2.99 30.00
CA ARG G 65 24.45 -3.64 31.17
C ARG G 65 23.62 -4.71 31.84
N PRO G 66 22.29 -4.58 31.90
CA PRO G 66 21.48 -5.67 32.47
C PRO G 66 21.61 -7.02 31.76
N TYR G 67 22.14 -7.06 30.54
CA TYR G 67 22.25 -8.31 29.83
C TYR G 67 23.58 -9.01 30.01
N TRP G 68 24.53 -8.38 30.71
CA TRP G 68 25.80 -9.00 31.08
C TRP G 68 25.59 -10.39 31.74
N ARG G 69 24.62 -10.47 32.64
CA ARG G 69 24.46 -11.71 33.42
C ARG G 69 24.09 -12.92 32.54
N CYS G 70 23.54 -12.67 31.36
CA CYS G 70 23.24 -13.74 30.37
C CYS G 70 24.49 -14.47 29.91
N TYR G 71 25.65 -13.84 30.01
CA TYR G 71 26.91 -14.40 29.56
C TYR G 71 27.77 -15.03 30.66
N TYR G 72 27.25 -15.11 31.89
CA TYR G 72 28.11 -15.50 33.03
C TYR G 72 28.40 -17.01 33.12
N SER G 73 27.58 -17.85 32.52
CA SER G 73 27.79 -19.30 32.58
C SER G 73 29.21 -19.70 32.19
N ASN G 74 29.85 -20.44 33.08
CA ASN G 74 31.13 -21.08 32.80
C ASN G 74 32.28 -20.08 32.57
N THR G 75 32.21 -18.93 33.24
CA THR G 75 33.24 -17.91 33.18
C THR G 75 34.35 -18.24 34.16
N ASP G 76 35.58 -18.29 33.67
CA ASP G 76 36.75 -18.47 34.53
C ASP G 76 37.30 -17.21 35.20
N ALA G 77 37.21 -16.07 34.51
CA ALA G 77 37.72 -14.81 35.05
C ALA G 77 36.93 -13.67 34.47
N VAL G 78 36.85 -12.60 35.24
CA VAL G 78 36.39 -11.31 34.70
C VAL G 78 37.54 -10.29 34.74
N ILE G 79 37.77 -9.62 33.62
CA ILE G 79 38.64 -8.47 33.52
C ILE G 79 37.69 -7.28 33.58
N TYR G 80 37.72 -6.59 34.71
CA TYR G 80 36.85 -5.44 34.94
C TYR G 80 37.64 -4.17 34.69
N VAL G 81 37.29 -3.49 33.60
CA VAL G 81 37.98 -2.29 33.14
C VAL G 81 37.30 -1.04 33.69
N VAL G 82 38.10 -0.16 34.29
CA VAL G 82 37.59 1.07 34.89
C VAL G 82 38.43 2.27 34.36
N ASP G 83 37.72 3.28 33.86
CA ASP G 83 38.35 4.50 33.40
C ASP G 83 38.88 5.26 34.63
N SER G 84 40.20 5.39 34.68
CA SER G 84 40.89 6.00 35.81
C SER G 84 40.62 7.51 35.98
N CYS G 85 40.07 8.13 34.94
CA CYS G 85 39.79 9.57 34.94
C CYS G 85 38.33 9.90 35.26
N ASP G 86 37.49 8.86 35.32
CA ASP G 86 36.07 9.06 35.49
C ASP G 86 35.66 9.04 36.92
N ARG G 87 35.95 10.13 37.63
CA ARG G 87 35.58 10.19 39.03
C ARG G 87 34.08 10.14 39.28
N ASP G 88 33.28 10.70 38.37
CA ASP G 88 31.85 10.77 38.57
C ASP G 88 31.14 9.42 38.51
N ARG G 89 31.73 8.44 37.84
CA ARG G 89 31.06 7.17 37.65
C ARG G 89 31.74 6.00 38.33
N ILE G 90 32.79 6.21 39.12
CA ILE G 90 33.44 5.07 39.77
C ILE G 90 32.47 4.39 40.74
N GLY G 91 31.57 5.17 41.35
CA GLY G 91 30.53 4.62 42.19
C GLY G 91 29.56 3.69 41.45
N ILE G 92 29.29 3.99 40.18
CA ILE G 92 28.52 3.09 39.33
C ILE G 92 29.35 1.83 39.03
N SER G 93 30.62 1.99 38.71
CA SER G 93 31.50 0.83 38.48
C SER G 93 31.44 -0.05 39.71
N LYS G 94 31.44 0.56 40.92
CA LYS G 94 31.35 -0.22 42.16
C LYS G 94 30.03 -1.01 42.31
N SER G 95 28.89 -0.37 42.07
CA SER G 95 27.60 -1.01 42.29
C SER G 95 27.39 -2.14 41.28
N GLU G 96 27.87 -1.97 40.05
CA GLU G 96 27.78 -3.04 39.07
C GLU G 96 28.65 -4.22 39.44
N LEU G 97 29.82 -3.94 39.99
CA LEU G 97 30.76 -5.00 40.41
C LEU G 97 30.19 -5.77 41.61
N VAL G 98 29.61 -5.06 42.57
CA VAL G 98 28.99 -5.73 43.72
C VAL G 98 27.88 -6.64 43.29
N ALA G 99 27.01 -6.16 42.40
CA ALA G 99 25.86 -6.96 41.95
C ALA G 99 26.33 -8.19 41.18
N LEU G 101 29.18 -9.88 41.38
CA LEU G 101 29.83 -10.88 42.21
C LEU G 101 28.90 -11.60 43.21
N GLU G 102 27.64 -11.23 43.25
CA GLU G 102 26.59 -11.99 43.97
C GLU G 102 25.99 -13.12 43.13
N GLU G 103 26.38 -13.20 41.87
CA GLU G 103 25.88 -14.22 40.96
C GLU G 103 26.57 -15.56 41.21
N GLU G 104 25.78 -16.61 41.42
CA GLU G 104 26.35 -17.91 41.73
C GLU G 104 27.22 -18.47 40.58
N GLU G 105 26.92 -18.11 39.33
CA GLU G 105 27.74 -18.55 38.19
C GLU G 105 29.17 -18.01 38.23
N LEU G 106 29.38 -16.86 38.88
CA LEU G 106 30.71 -16.29 39.02
C LEU G 106 31.41 -16.62 40.35
N ARG G 107 30.87 -17.55 41.10
CA ARG G 107 31.37 -17.84 42.45
C ARG G 107 32.87 -18.07 42.52
N LYS G 108 33.42 -18.80 41.56
CA LYS G 108 34.82 -19.13 41.57
C LYS G 108 35.64 -18.34 40.54
N ALA G 109 35.05 -17.37 39.86
CA ALA G 109 35.81 -16.60 38.88
C ALA G 109 36.86 -15.73 39.55
N ILE G 110 38.01 -15.61 38.89
CA ILE G 110 39.06 -14.72 39.30
C ILE G 110 38.66 -13.35 38.80
N LEU G 111 38.93 -12.33 39.60
CA LEU G 111 38.70 -10.94 39.23
C LEU G 111 40.02 -10.21 39.05
N VAL G 112 40.23 -9.66 37.87
CA VAL G 112 41.31 -8.75 37.67
C VAL G 112 40.73 -7.39 37.23
N VAL G 113 41.12 -6.36 37.97
CA VAL G 113 40.66 -5.01 37.66
C VAL G 113 41.75 -4.25 36.92
N PHE G 114 41.43 -3.80 35.71
CA PHE G 114 42.31 -2.95 34.91
C PHE G 114 41.91 -1.47 35.12
N ALA G 115 42.72 -0.77 35.91
CA ALA G 115 42.64 0.70 36.07
C ALA G 115 43.21 1.34 34.85
N ASN G 116 42.37 1.56 33.85
CA ASN G 116 42.82 1.92 32.53
C ASN G 116 42.95 3.43 32.35
N LYS G 117 43.62 3.85 31.27
CA LYS G 117 43.85 5.25 30.92
C LYS G 117 44.83 5.91 31.88
N GLN G 118 45.80 5.11 32.34
CA GLN G 118 46.80 5.59 33.29
C GLN G 118 47.86 6.45 32.59
N ASP G 119 47.83 6.49 31.26
CA ASP G 119 48.65 7.42 30.51
C ASP G 119 48.24 8.90 30.69
N GLU G 121 47.07 12.45 32.70
CA GLU G 121 47.56 13.21 33.87
C GLU G 121 46.59 13.15 35.06
N GLN G 122 45.29 13.12 34.78
CA GLN G 122 44.29 13.26 35.84
C GLN G 122 43.90 11.92 36.48
N ALA G 123 44.41 10.81 35.93
CA ALA G 123 44.18 9.45 36.45
C ALA G 123 44.25 9.35 37.97
N THR G 125 44.79 7.15 41.40
CA THR G 125 45.79 6.12 41.70
C THR G 125 45.07 4.78 41.87
N SER G 126 45.81 3.71 41.65
CA SER G 126 45.32 2.35 41.86
C SER G 126 44.70 2.17 43.22
N SER G 127 45.32 2.72 44.26
CA SER G 127 44.88 2.45 45.61
C SER G 127 43.61 3.24 45.93
N GLU G 128 43.50 4.44 45.39
CA GLU G 128 42.25 5.18 45.49
C GLU G 128 41.11 4.37 44.83
N ALA G 130 40.92 1.11 44.09
CA ALA G 130 40.62 -0.12 44.80
C ALA G 130 39.67 0.18 45.94
N ASN G 131 39.91 1.27 46.68
CA ASN G 131 39.01 1.64 47.77
C ASN G 131 37.64 2.10 47.29
N SER G 132 37.63 2.89 46.24
CA SER G 132 36.37 3.39 45.66
C SER G 132 35.54 2.29 45.03
N LEU G 133 36.20 1.20 44.61
CA LEU G 133 35.52 0.05 44.01
C LEU G 133 35.08 -0.94 45.07
N GLY G 134 35.49 -0.72 46.32
CA GLY G 134 35.20 -1.64 47.40
C GLY G 134 35.92 -2.99 47.32
N LEU G 135 37.10 -3.01 46.71
CA LEU G 135 37.80 -4.28 46.49
C LEU G 135 38.21 -4.93 47.81
N PRO G 136 38.79 -4.16 48.74
CA PRO G 136 39.06 -4.71 50.08
C PRO G 136 37.85 -5.36 50.79
N ALA G 137 36.61 -5.00 50.45
CA ALA G 137 35.42 -5.57 51.10
C ALA G 137 34.96 -6.92 50.52
N LEU G 138 35.53 -7.32 49.38
CA LEU G 138 35.10 -8.56 48.72
C LEU G 138 35.48 -9.82 49.51
N LYS G 139 34.50 -10.71 49.69
CA LYS G 139 34.68 -11.96 50.42
C LYS G 139 34.93 -13.10 49.44
N ASP G 140 35.78 -14.03 49.85
CA ASP G 140 35.99 -15.28 49.13
C ASP G 140 36.29 -15.03 47.65
N ARG G 141 37.20 -14.10 47.40
CA ARG G 141 37.48 -13.66 46.04
C ARG G 141 38.96 -13.49 45.83
N LYS G 142 39.47 -14.16 44.81
CA LYS G 142 40.81 -13.87 44.29
C LYS G 142 40.77 -12.67 43.34
N TRP G 143 41.48 -11.60 43.71
CA TRP G 143 41.50 -10.41 42.89
C TRP G 143 42.79 -9.64 42.98
N GLN G 144 43.06 -8.87 41.94
CA GLN G 144 44.13 -7.90 41.97
C GLN G 144 43.76 -6.74 41.05
N ILE G 145 44.33 -5.58 41.34
CA ILE G 145 44.18 -4.39 40.47
C ILE G 145 45.52 -4.02 39.85
N PHE G 146 45.48 -3.63 38.58
CA PHE G 146 46.64 -3.23 37.80
C PHE G 146 46.41 -1.90 37.06
N LYS G 147 47.41 -1.02 37.13
CA LYS G 147 47.50 0.15 36.25
C LYS G 147 47.74 -0.26 34.81
N THR G 148 46.90 0.21 33.88
CA THR G 148 47.08 -0.06 32.45
C THR G 148 46.85 1.16 31.55
N SER G 149 47.38 1.11 30.35
CA SER G 149 46.99 1.98 29.25
C SER G 149 46.77 1.10 28.04
N ALA G 150 45.52 0.95 27.62
CA ALA G 150 45.18 0.16 26.46
C ALA G 150 45.75 0.80 25.19
N THR G 151 45.77 2.13 25.12
CA THR G 151 46.20 2.85 23.92
C THR G 151 47.71 2.85 23.74
N LYS G 152 48.43 2.80 24.85
CA LYS G 152 49.89 2.85 24.87
C LYS G 152 50.54 1.48 25.05
N GLY G 153 49.86 0.55 25.73
CA GLY G 153 50.35 -0.81 25.92
C GLY G 153 50.84 -1.15 27.31
N THR G 154 51.03 -0.16 28.15
CA THR G 154 51.68 -0.36 29.44
C THR G 154 50.79 -1.10 30.45
N GLY G 155 51.42 -1.90 31.29
CA GLY G 155 50.74 -2.58 32.38
C GLY G 155 49.98 -3.83 31.99
N LEU G 156 49.74 -4.02 30.70
CA LEU G 156 48.87 -5.09 30.25
C LEU G 156 49.49 -6.49 30.40
N ASP G 157 50.78 -6.60 30.11
CA ASP G 157 51.46 -7.89 30.16
C ASP G 157 51.57 -8.39 31.60
N GLU G 158 51.91 -7.50 32.52
CA GLU G 158 51.99 -7.83 33.94
C GLU G 158 50.64 -8.27 34.53
N ALA G 159 49.56 -7.71 34.00
CA ALA G 159 48.22 -8.01 34.48
C ALA G 159 47.78 -9.36 33.94
N GLU G 161 49.83 -11.79 32.92
CA GLU G 161 50.67 -12.82 33.56
C GLU G 161 50.11 -13.16 34.92
N TRP G 162 49.62 -12.17 35.66
CA TRP G 162 49.04 -12.45 36.96
C TRP G 162 47.75 -13.27 36.82
N LEU G 163 46.95 -12.94 35.81
CA LEU G 163 45.68 -13.62 35.58
C LEU G 163 45.88 -15.10 35.19
N VAL G 164 46.80 -15.35 34.28
CA VAL G 164 47.07 -16.70 33.81
C VAL G 164 47.62 -17.60 34.93
N GLU G 165 48.60 -17.10 35.69
CA GLU G 165 49.21 -17.88 36.76
C GLU G 165 48.20 -18.17 37.82
N THR G 166 47.31 -17.19 38.04
CA THR G 166 46.29 -17.33 39.05
C THR G 166 45.25 -18.34 38.60
N LEU G 167 44.96 -18.37 37.30
CA LEU G 167 44.06 -19.37 36.74
C LEU G 167 44.68 -20.77 36.87
N LYS G 168 45.97 -20.91 36.59
CA LYS G 168 46.66 -22.20 36.72
C LYS G 168 46.70 -22.76 38.14
N SER G 169 46.86 -21.88 39.13
CA SER G 169 47.03 -22.29 40.52
C SER G 169 45.71 -22.47 41.27
N ARG G 170 44.60 -22.28 40.56
CA ARG G 170 43.27 -22.60 41.04
C ARG G 170 43.11 -24.13 41.12
N GLY H 2 13.05 7.51 16.15
CA GLY H 2 14.27 6.73 15.75
C GLY H 2 14.25 5.34 16.35
N GLU H 3 15.43 4.73 16.45
CA GLU H 3 15.53 3.31 16.82
C GLU H 3 15.99 3.10 18.27
N PRO H 4 15.28 2.26 19.02
CA PRO H 4 15.70 1.94 20.40
C PRO H 4 16.99 1.11 20.41
N THR H 5 17.85 1.35 21.40
CA THR H 5 19.11 0.63 21.53
C THR H 5 18.95 -0.89 21.41
N GLU H 6 17.77 -1.40 21.81
CA GLU H 6 17.56 -2.83 21.84
C GLU H 6 17.56 -3.43 20.44
N PHE H 7 17.12 -2.66 19.43
CA PHE H 7 17.15 -3.10 18.05
C PHE H 7 18.55 -3.44 17.52
N GLU H 8 19.53 -2.56 17.74
CA GLU H 8 20.88 -2.86 17.26
C GLU H 8 21.46 -4.03 18.06
N TYR H 9 21.22 -4.04 19.37
CA TYR H 9 21.69 -5.13 20.23
C TYR H 9 21.11 -6.45 19.72
N LEU H 10 19.81 -6.46 19.44
CA LEU H 10 19.14 -7.68 19.00
C LEU H 10 19.61 -8.14 17.62
N ARG H 11 19.91 -7.22 16.71
CA ARG H 11 20.44 -7.58 15.39
C ARG H 11 21.77 -8.35 15.49
N LYS H 12 22.65 -7.88 16.38
CA LYS H 12 23.90 -8.54 16.60
C LYS H 12 23.67 -9.94 17.19
N VAL H 13 22.86 -10.03 18.25
CA VAL H 13 22.63 -11.29 18.95
C VAL H 13 21.89 -12.31 18.07
N LEU H 14 20.87 -11.83 17.36
CA LEU H 14 20.10 -12.70 16.45
C LEU H 14 20.90 -13.10 15.22
N PHE H 15 21.75 -12.24 14.69
CA PHE H 15 22.63 -12.66 13.61
C PHE H 15 23.48 -13.83 14.03
N GLU H 16 24.11 -13.73 15.21
CA GLU H 16 24.95 -14.81 15.70
C GLU H 16 24.16 -16.11 15.89
N TYR H 17 23.01 -16.00 16.54
CA TYR H 17 22.13 -17.12 16.75
C TYR H 17 21.67 -17.80 15.46
N GLY H 20 24.11 -19.82 13.77
CA GLY H 20 24.48 -21.00 14.51
C GLY H 20 25.71 -20.87 15.41
N ARG H 21 26.15 -19.66 15.73
CA ARG H 21 27.25 -19.48 16.69
C ARG H 21 26.77 -19.16 18.12
N GLU H 22 27.36 -19.87 19.08
CA GLU H 22 27.13 -19.65 20.51
C GLU H 22 25.64 -19.65 20.84
N THR H 23 24.91 -20.60 20.29
CA THR H 23 23.47 -20.52 20.31
C THR H 23 22.85 -20.61 21.69
N LYS H 24 23.48 -21.31 22.64
CA LYS H 24 22.92 -21.35 24.00
C LYS H 24 22.98 -19.98 24.68
N THR H 25 24.11 -19.29 24.52
CA THR H 25 24.29 -17.98 25.19
C THR H 25 23.36 -16.98 24.51
N ALA H 27 20.54 -17.59 22.95
CA ALA H 27 19.18 -17.85 23.40
C ALA H 27 18.85 -17.24 24.74
N LYS H 28 19.78 -17.32 25.69
CA LYS H 28 19.58 -16.67 26.98
C LYS H 28 19.41 -15.16 26.83
N VAL H 29 20.26 -14.57 26.00
CA VAL H 29 20.23 -13.13 25.77
C VAL H 29 18.90 -12.74 25.15
N ILE H 30 18.51 -13.43 24.07
CA ILE H 30 17.30 -13.10 23.35
C ILE H 30 16.07 -13.18 24.24
N THR H 31 15.97 -14.23 25.06
CA THR H 31 14.80 -14.42 25.91
C THR H 31 14.77 -13.40 27.02
N THR H 32 15.94 -12.95 27.43
CA THR H 32 16.04 -11.87 28.42
C THR H 32 15.73 -10.50 27.82
N VAL H 33 16.33 -10.16 26.69
CA VAL H 33 16.12 -8.84 26.09
C VAL H 33 14.65 -8.61 25.76
N LEU H 34 14.02 -9.62 25.16
CA LEU H 34 12.63 -9.51 24.72
C LEU H 34 11.63 -9.85 25.82
N LYS H 35 12.11 -10.17 27.03
CA LYS H 35 11.26 -10.39 28.21
C LYS H 35 10.20 -11.48 27.98
N PHE H 36 10.66 -12.62 27.48
CA PHE H 36 9.80 -13.78 27.28
C PHE H 36 9.20 -14.21 28.63
N PRO H 37 7.95 -14.68 28.63
CA PRO H 37 7.40 -15.37 29.81
C PRO H 37 8.28 -16.56 30.23
N ASP H 38 8.40 -16.78 31.54
CA ASP H 38 9.22 -17.87 32.09
C ASP H 38 8.97 -19.24 31.47
N ASP H 39 7.71 -19.55 31.19
CA ASP H 39 7.36 -20.87 30.67
C ASP H 39 7.86 -21.07 29.23
N GLN H 40 7.81 -20.02 28.43
CA GLN H 40 8.37 -20.03 27.07
C GLN H 40 9.90 -20.08 27.08
N THR H 41 10.51 -19.32 27.98
CA THR H 41 11.98 -19.31 28.10
C THR H 41 12.51 -20.71 28.43
N GLN H 42 11.87 -21.38 29.37
CA GLN H 42 12.23 -22.74 29.80
C GLN H 42 12.16 -23.72 28.63
N LYS H 43 11.11 -23.61 27.82
CA LYS H 43 10.93 -24.47 26.67
C LYS H 43 11.99 -24.25 25.60
N ILE H 44 12.32 -22.99 25.35
CA ILE H 44 13.33 -22.63 24.38
C ILE H 44 14.71 -23.14 24.79
N LEU H 45 15.07 -22.91 26.05
CA LEU H 45 16.38 -23.29 26.57
C LEU H 45 16.53 -24.81 26.69
N GLU H 46 15.48 -25.51 27.09
CA GLU H 46 15.54 -26.97 27.15
C GLU H 46 15.78 -27.54 25.76
N ARG H 47 15.17 -26.93 24.75
CA ARG H 47 15.35 -27.40 23.38
C ARG H 47 16.76 -27.14 22.87
N GLU H 48 17.31 -25.98 23.24
CA GLU H 48 18.64 -25.62 22.83
C GLU H 48 19.67 -26.66 23.38
N ASP H 49 19.44 -27.13 24.59
CA ASP H 49 20.31 -28.13 25.21
C ASP H 49 20.31 -29.49 24.47
N ALA H 50 19.15 -29.92 23.95
CA ALA H 50 19.03 -31.17 23.16
C ALA H 50 19.58 -31.10 21.72
N ARG H 51 19.96 -29.92 21.25
CA ARG H 51 20.67 -29.77 19.97
C ARG H 51 22.04 -30.51 20.00
N LEU H 52 22.14 -31.68 19.37
CA LEU H 52 23.40 -32.46 19.42
C LEU H 52 24.25 -32.25 18.17
#